data_4KXD
#
_entry.id   4KXD
#
_cell.length_a   142.231
_cell.length_b   142.231
_cell.length_c   237.078
_cell.angle_alpha   90.00
_cell.angle_beta   90.00
_cell.angle_gamma   120.00
#
_symmetry.space_group_name_H-M   'P 64 2 2'
#
loop_
_entity.id
_entity.type
_entity.pdbx_description
1 polymer 'Glutamyl aminopeptidase'
2 branched 2-acetamido-2-deoxy-beta-D-glucopyranose-(1-4)-2-acetamido-2-deoxy-beta-D-glucopyranose
3 branched 2-acetamido-2-deoxy-beta-D-glucopyranose-(1-4)-2-acetamido-2-deoxy-beta-D-glucopyranose-(1-4)-2-acetamido-2-deoxy-beta-D-glucopyranose
4 non-polymer 'CALCIUM ION'
5 non-polymer 'ZINC ION'
6 non-polymer 2-acetamido-2-deoxy-beta-D-glucopyranose
7 non-polymer 'GLUTAMIC ACID'
8 water water
#
_entity_poly.entity_id   1
_entity_poly.type   'polypeptide(L)'
_entity_poly.pdbx_seq_one_letter_code
;DICPASEDESGQWKNFRLPDFVNPVHYDLHVKPLLEEDTYTGTVSISINLSAPTRYLWLHLRETRITRLPELKRPSGDQV
QVRRCFEYKKQEYVVVEAEEELTPSSGDGLYLLTMEFAGWLNGSLVGFYRTTYTENGRVKSIAATDHEPTDARKSFPCFD
EPNKKATYTISITHPKEYGALSNMPVAKEESVDDKWTRTTFEKSVPMSTYLVCFAVHQFDSVKRISNSGKPLTIYVQPEQ
KHTAEYAANITKSVFDYFEEYFAMNYSLPKLDKIAIPDFGTGAMENWGLITYRETNLLYDPKESASSNQQRVATVVAHEL
VHQWFGNIVTMDWWEDLWLNEGFASFFEFLGVNHAETDWQMRDQMLLEDVLPVQEDDSLMSSHPIIVTVTTPDEITSVFD
GISYSKGSSILRMLEDWIKPENFQKGCQMYLEKYQFKNAKTSDFWAALEEASRLPVKEVMDTWTRQMGYPVLNVNGVKNI
TQKRFLLDPRANPSQPPSDLGYTWNIPVKWTEDNITSSVLFNRSEKEGITLNSSNPSGNAFLKINPDHIGFYRVNYEVAT
WDSIATALSLNHKTFSSADRASLIDDAFALARAQLLDYKVALNLTKYLKREENFLPWQRVISAVTYIISMFEDDKELYPM
IEEYFQGQVKPIADSLGWNDAGDHVTKLLRSSVLGFACKMGDREALNNASSLFEQWLNGTVSLPVNLRLLVYRYGMQNSG
NEISWNYTLEQYQKTSLAQEKEKLLYGLASVKNVTLLSRYLDLLKDTNLIKTQDVFTVIRYISYNSYGKNMAWNWIQLNW
DYLVNRYTLNNRNLGRIVTIAEPFNTELQLWQMESFFAKYPQAGAGEKPREQVLETVKNNIEWLKQHRNTIREWFFNLLE
SGHHHHHH
;
_entity_poly.pdbx_strand_id   A
#
loop_
_chem_comp.id
_chem_comp.type
_chem_comp.name
_chem_comp.formula
CA non-polymer 'CALCIUM ION' 'Ca 2'
NAG D-saccharide, beta linking 2-acetamido-2-deoxy-beta-D-glucopyranose 'C8 H15 N O6'
ZN non-polymer 'ZINC ION' 'Zn 2'
#
# COMPACT_ATOMS: atom_id res chain seq x y z
N ASP A 1 -5.24 -3.55 -37.13
CA ASP A 1 -5.41 -3.97 -38.55
C ASP A 1 -4.09 -4.55 -39.13
N ILE A 2 -3.00 -3.78 -38.99
CA ILE A 2 -1.71 -4.13 -39.58
C ILE A 2 -1.05 -5.37 -39.00
N CYS A 3 -1.12 -5.51 -37.68
CA CYS A 3 -0.52 -6.62 -36.95
C CYS A 3 -1.65 -7.43 -36.37
N PRO A 4 -2.40 -8.18 -37.21
CA PRO A 4 -3.59 -8.79 -36.64
C PRO A 4 -3.27 -9.80 -35.55
N ALA A 5 -4.24 -10.03 -34.67
CA ALA A 5 -4.17 -11.08 -33.67
C ALA A 5 -4.09 -12.44 -34.37
N SER A 6 -3.24 -13.32 -33.84
CA SER A 6 -3.18 -14.71 -34.30
C SER A 6 -3.11 -15.63 -33.10
N GLU A 7 -3.77 -16.79 -33.21
CA GLU A 7 -3.73 -17.80 -32.17
C GLU A 7 -2.61 -18.83 -32.39
N ASP A 8 -1.58 -18.42 -33.14
CA ASP A 8 -0.44 -19.29 -33.41
C ASP A 8 0.43 -19.43 -32.16
N GLU A 9 0.48 -20.64 -31.63
CA GLU A 9 1.14 -20.90 -30.33
C GLU A 9 2.50 -21.59 -30.46
N SER A 10 2.81 -22.11 -31.63
CA SER A 10 4.08 -22.78 -31.88
C SER A 10 5.23 -21.77 -31.99
N GLY A 11 5.64 -21.24 -30.83
CA GLY A 11 6.74 -20.30 -30.72
C GLY A 11 7.03 -19.98 -29.27
N GLN A 12 8.20 -19.40 -29.01
CA GLN A 12 8.60 -19.04 -27.65
C GLN A 12 7.76 -17.87 -27.09
N TRP A 13 7.00 -17.23 -27.96
CA TRP A 13 6.07 -16.18 -27.56
C TRP A 13 4.84 -16.72 -26.83
N LYS A 14 4.69 -18.04 -26.81
CA LYS A 14 3.63 -18.67 -26.01
C LYS A 14 4.00 -18.68 -24.54
N ASN A 15 5.28 -18.47 -24.25
CA ASN A 15 5.79 -18.42 -22.90
C ASN A 15 5.48 -17.09 -22.26
N PHE A 16 4.93 -17.17 -21.05
CA PHE A 16 4.62 -16.01 -20.25
C PHE A 16 5.82 -15.09 -20.06
N ARG A 17 6.98 -15.65 -19.80
CA ARG A 17 8.16 -14.82 -19.58
C ARG A 17 8.94 -14.61 -20.88
N LEU A 18 9.58 -13.45 -20.98
CA LEU A 18 10.43 -13.12 -22.13
C LEU A 18 11.61 -14.09 -22.20
N PRO A 19 12.17 -14.28 -23.40
CA PRO A 19 13.34 -15.15 -23.55
C PRO A 19 14.62 -14.55 -22.96
N ASP A 20 15.53 -15.44 -22.61
CA ASP A 20 16.82 -15.10 -21.99
C ASP A 20 17.79 -14.37 -22.95
N PHE A 21 17.70 -14.70 -24.23
CA PHE A 21 18.71 -14.28 -25.22
C PHE A 21 18.54 -12.87 -25.81
N VAL A 22 17.49 -12.17 -25.38
CA VAL A 22 17.23 -10.82 -25.86
C VAL A 22 17.26 -9.83 -24.71
N ASN A 23 18.16 -8.87 -24.80
CA ASN A 23 18.28 -7.81 -23.81
C ASN A 23 18.35 -6.46 -24.52
N PRO A 24 17.34 -5.58 -24.30
CA PRO A 24 17.43 -4.26 -24.91
C PRO A 24 18.56 -3.48 -24.27
N VAL A 25 19.06 -2.46 -24.96
CA VAL A 25 20.16 -1.67 -24.42
C VAL A 25 19.76 -0.21 -24.24
N HIS A 26 19.19 0.38 -25.30
CA HIS A 26 18.76 1.77 -25.29
C HIS A 26 17.42 1.94 -25.99
N TYR A 27 16.57 2.80 -25.42
CA TYR A 27 15.29 3.19 -26.02
C TYR A 27 15.33 4.63 -26.54
N ASP A 28 15.02 4.81 -27.82
CA ASP A 28 14.71 6.12 -28.36
C ASP A 28 13.20 6.22 -28.46
N LEU A 29 12.58 6.94 -27.53
CA LEU A 29 11.11 7.04 -27.45
C LEU A 29 10.58 8.45 -27.71
N HIS A 30 9.70 8.56 -28.71
CA HIS A 30 9.04 9.81 -29.05
C HIS A 30 7.53 9.65 -29.06
N VAL A 31 6.85 10.56 -28.37
CA VAL A 31 5.37 10.55 -28.31
C VAL A 31 4.79 11.94 -28.59
N LYS A 32 3.61 11.95 -29.21
CA LYS A 32 2.96 13.21 -29.51
C LYS A 32 1.50 13.04 -29.13
N PRO A 33 1.08 13.65 -28.00
CA PRO A 33 -0.33 13.60 -27.64
C PRO A 33 -1.16 14.62 -28.39
N LEU A 34 -2.34 14.20 -28.85
CA LEU A 34 -3.38 15.15 -29.24
C LEU A 34 -4.35 15.33 -28.06
N LEU A 35 -3.97 16.18 -27.10
CA LEU A 35 -4.69 16.28 -25.82
C LEU A 35 -6.20 16.39 -25.98
N GLU A 36 -6.67 17.36 -26.77
CA GLU A 36 -8.10 17.56 -26.95
C GLU A 36 -8.82 16.39 -27.61
N GLU A 37 -8.06 15.52 -28.28
CA GLU A 37 -8.63 14.36 -28.98
C GLU A 37 -8.56 13.06 -28.19
N ASP A 38 -7.85 13.08 -27.06
CA ASP A 38 -7.59 11.90 -26.23
C ASP A 38 -6.91 10.77 -27.00
N THR A 39 -5.98 11.16 -27.87
CA THR A 39 -5.18 10.19 -28.60
C THR A 39 -3.71 10.60 -28.53
N TYR A 40 -2.83 9.65 -28.81
CA TYR A 40 -1.43 9.95 -29.00
C TYR A 40 -0.88 9.00 -30.04
N THR A 41 0.26 9.39 -30.59
CA THR A 41 1.04 8.54 -31.49
C THR A 41 2.47 8.59 -30.96
N GLY A 42 3.30 7.68 -31.47
CA GLY A 42 4.71 7.66 -31.11
C GLY A 42 5.51 6.71 -31.98
N THR A 43 6.83 6.87 -31.91
CA THR A 43 7.75 5.91 -32.50
C THR A 43 8.80 5.59 -31.46
N VAL A 44 9.18 4.32 -31.42
CA VAL A 44 10.23 3.87 -30.52
C VAL A 44 11.27 3.04 -31.27
N SER A 45 12.55 3.37 -31.06
CA SER A 45 13.65 2.60 -31.61
C SER A 45 14.44 1.97 -30.46
N ILE A 46 14.58 0.66 -30.50
CA ILE A 46 15.18 -0.11 -29.41
C ILE A 46 16.43 -0.85 -29.87
N SER A 47 17.57 -0.56 -29.24
CA SER A 47 18.80 -1.30 -29.50
C SER A 47 18.79 -2.61 -28.70
N ILE A 48 19.06 -3.72 -29.41
CA ILE A 48 18.81 -5.05 -28.88
C ILE A 48 20.05 -5.94 -28.96
N ASN A 49 20.41 -6.53 -27.82
CA ASN A 49 21.49 -7.51 -27.73
C ASN A 49 20.92 -8.93 -27.88
N LEU A 50 21.23 -9.56 -29.02
CA LEU A 50 20.72 -10.89 -29.34
C LEU A 50 21.78 -11.96 -29.09
N SER A 51 21.39 -13.03 -28.40
CA SER A 51 22.33 -14.06 -27.95
C SER A 51 22.07 -15.45 -28.54
N ALA A 52 21.04 -15.58 -29.36
CA ALA A 52 20.66 -16.88 -29.91
C ALA A 52 19.86 -16.74 -31.21
N PRO A 53 20.10 -17.63 -32.18
CA PRO A 53 19.38 -17.60 -33.46
C PRO A 53 17.86 -17.64 -33.28
N THR A 54 17.18 -16.68 -33.89
CA THR A 54 15.74 -16.63 -33.85
C THR A 54 15.21 -16.00 -35.13
N ARG A 55 14.08 -16.51 -35.62
CA ARG A 55 13.42 -15.90 -36.75
C ARG A 55 12.28 -14.95 -36.29
N TYR A 56 12.08 -14.86 -34.98
CA TYR A 56 11.04 -13.98 -34.41
C TYR A 56 11.61 -13.06 -33.33
N LEU A 57 11.10 -11.82 -33.28
CA LEU A 57 11.38 -10.90 -32.17
C LEU A 57 10.06 -10.40 -31.58
N TRP A 58 9.90 -10.57 -30.27
CA TRP A 58 8.64 -10.20 -29.60
C TRP A 58 8.84 -9.40 -28.30
N LEU A 59 7.86 -8.55 -28.00
CA LEU A 59 7.88 -7.74 -26.79
C LEU A 59 6.46 -7.32 -26.40
N HIS A 60 6.34 -6.66 -25.26
CA HIS A 60 5.02 -6.43 -24.66
C HIS A 60 4.30 -5.23 -25.27
N LEU A 61 2.99 -5.37 -25.42
CA LEU A 61 2.14 -4.33 -25.96
C LEU A 61 0.72 -4.71 -25.56
N ARG A 62 -0.03 -3.76 -24.98
CA ARG A 62 -1.45 -3.99 -24.72
C ARG A 62 -2.30 -2.77 -25.10
N GLU A 63 -3.39 -3.06 -25.82
CA GLU A 63 -4.42 -2.08 -26.21
C GLU A 63 -3.96 -1.08 -27.28
N THR A 64 -2.84 -0.41 -27.02
CA THR A 64 -2.16 0.42 -27.99
C THR A 64 -1.80 -0.43 -29.20
N ARG A 65 -1.90 0.16 -30.40
CA ARG A 65 -1.75 -0.55 -31.67
C ARG A 65 -0.49 -0.14 -32.44
N ILE A 66 0.09 -1.11 -33.14
CA ILE A 66 1.16 -0.83 -34.11
C ILE A 66 0.52 -0.32 -35.40
N THR A 67 1.03 0.80 -35.89
CA THR A 67 0.43 1.47 -37.06
C THR A 67 1.18 1.21 -38.37
N ARG A 68 2.50 1.05 -38.28
CA ARG A 68 3.33 0.74 -39.45
C ARG A 68 4.14 -0.53 -39.25
N LEU A 69 4.43 -1.25 -40.35
CA LEU A 69 5.29 -2.44 -40.31
C LEU A 69 6.56 -2.08 -39.52
N PRO A 70 6.90 -2.89 -38.50
CA PRO A 70 8.12 -2.61 -37.74
C PRO A 70 9.35 -2.73 -38.63
N GLU A 71 10.42 -2.03 -38.26
CA GLU A 71 11.66 -2.02 -39.04
C GLU A 71 12.84 -2.52 -38.22
N LEU A 72 13.50 -3.56 -38.73
CA LEU A 72 14.66 -4.12 -38.07
C LEU A 72 15.95 -3.80 -38.83
N LYS A 73 17.06 -3.81 -38.10
CA LYS A 73 18.37 -3.40 -38.59
C LYS A 73 19.45 -4.37 -38.10
N ARG A 74 20.40 -4.73 -38.97
CA ARG A 74 21.57 -5.53 -38.58
C ARG A 74 22.47 -4.74 -37.62
N PRO A 75 23.26 -5.43 -36.78
CA PRO A 75 24.26 -4.74 -35.96
C PRO A 75 25.26 -3.96 -36.80
N SER A 76 25.44 -4.36 -38.06
CA SER A 76 26.27 -3.64 -39.02
C SER A 76 25.53 -2.42 -39.59
N GLY A 77 24.20 -2.46 -39.57
CA GLY A 77 23.38 -1.31 -39.98
C GLY A 77 22.45 -1.53 -41.16
N ASP A 78 22.50 -2.72 -41.76
CA ASP A 78 21.65 -3.05 -42.92
C ASP A 78 20.23 -3.34 -42.46
N GLN A 79 19.26 -3.05 -43.33
CA GLN A 79 17.85 -3.24 -43.02
C GLN A 79 17.39 -4.68 -43.19
N VAL A 80 16.77 -5.23 -42.15
CA VAL A 80 16.38 -6.64 -42.16
C VAL A 80 14.97 -6.86 -42.75
N GLN A 81 14.88 -7.81 -43.68
CA GLN A 81 13.62 -8.23 -44.30
C GLN A 81 12.62 -8.80 -43.29
N VAL A 82 11.39 -8.28 -43.34
CA VAL A 82 10.33 -8.64 -42.38
C VAL A 82 9.14 -9.26 -43.11
N ARG A 83 8.82 -10.52 -42.78
CA ARG A 83 7.71 -11.23 -43.43
C ARG A 83 6.33 -10.77 -42.95
N ARG A 84 6.14 -10.80 -41.63
CA ARG A 84 4.85 -10.53 -41.01
C ARG A 84 5.07 -9.87 -39.68
N CYS A 85 4.01 -9.27 -39.15
CA CYS A 85 3.89 -9.02 -37.72
C CYS A 85 2.51 -9.48 -37.27
N PHE A 86 2.40 -9.84 -36.00
CA PHE A 86 1.16 -10.33 -35.43
C PHE A 86 1.13 -10.09 -33.93
N GLU A 87 -0.07 -9.96 -33.39
CA GLU A 87 -0.25 -9.86 -31.96
C GLU A 87 -0.60 -11.21 -31.38
N TYR A 88 -0.02 -11.51 -30.23
CA TYR A 88 -0.35 -12.71 -29.48
C TYR A 88 -0.96 -12.28 -28.15
N LYS A 89 -2.29 -12.32 -28.07
CA LYS A 89 -3.02 -11.71 -26.95
C LYS A 89 -2.75 -12.40 -25.64
N LYS A 90 -2.74 -13.73 -25.67
CA LYS A 90 -2.69 -14.54 -24.45
C LYS A 90 -1.55 -14.13 -23.52
N GLN A 91 -0.43 -13.70 -24.09
CA GLN A 91 0.74 -13.29 -23.30
C GLN A 91 1.14 -11.83 -23.55
N GLU A 92 0.22 -11.05 -24.15
CA GLU A 92 0.40 -9.60 -24.33
C GLU A 92 1.67 -9.23 -25.13
N TYR A 93 1.86 -9.95 -26.23
CA TYR A 93 3.01 -9.77 -27.10
C TYR A 93 2.62 -9.24 -28.48
N VAL A 94 3.49 -8.45 -29.07
CA VAL A 94 3.46 -8.21 -30.53
C VAL A 94 4.70 -8.89 -31.13
N VAL A 95 4.50 -9.70 -32.16
CA VAL A 95 5.59 -10.50 -32.73
C VAL A 95 5.86 -10.17 -34.20
N VAL A 96 7.14 -10.08 -34.54
CA VAL A 96 7.56 -9.92 -35.92
C VAL A 96 8.42 -11.10 -36.37
N GLU A 97 7.94 -11.84 -37.39
CA GLU A 97 8.80 -12.83 -38.04
C GLU A 97 9.62 -12.20 -39.17
N ALA A 98 10.95 -12.27 -39.02
CA ALA A 98 11.87 -11.86 -40.07
C ALA A 98 11.94 -12.96 -41.11
N GLU A 99 12.51 -12.65 -42.26
CA GLU A 99 12.85 -13.70 -43.20
C GLU A 99 14.01 -14.54 -42.65
N GLU A 100 15.09 -13.83 -42.28
CA GLU A 100 16.39 -14.47 -41.96
C GLU A 100 16.43 -15.19 -40.60
N GLU A 101 17.16 -14.64 -39.64
CA GLU A 101 17.40 -15.28 -38.34
C GLU A 101 18.63 -14.77 -37.58
N LEU A 102 19.69 -14.42 -38.32
CA LEU A 102 21.06 -14.36 -37.77
C LEU A 102 21.23 -13.84 -36.34
N THR A 103 22.28 -14.33 -35.67
CA THR A 103 22.44 -14.25 -34.22
C THR A 103 23.52 -13.30 -33.66
N PRO A 104 23.92 -12.27 -34.42
CA PRO A 104 25.08 -11.58 -33.88
C PRO A 104 24.74 -10.51 -32.85
N SER A 105 25.57 -10.47 -31.81
CA SER A 105 25.69 -9.33 -30.91
C SER A 105 27.05 -9.49 -30.26
N SER A 106 27.99 -9.98 -31.07
CA SER A 106 29.32 -10.37 -30.63
C SER A 106 30.21 -9.17 -30.32
N GLY A 107 30.17 -8.15 -31.18
CA GLY A 107 30.94 -6.93 -30.96
C GLY A 107 30.22 -5.99 -30.02
N ASP A 108 30.25 -4.70 -30.36
CA ASP A 108 29.49 -3.68 -29.63
C ASP A 108 28.24 -3.26 -30.42
N GLY A 109 28.14 -3.78 -31.64
CA GLY A 109 26.99 -3.53 -32.52
C GLY A 109 25.75 -4.27 -32.04
N LEU A 110 24.61 -3.62 -32.19
CA LEU A 110 23.34 -4.15 -31.72
C LEU A 110 22.29 -4.04 -32.83
N TYR A 111 21.30 -4.93 -32.79
CA TYR A 111 20.11 -4.82 -33.64
C TYR A 111 19.33 -3.55 -33.30
N LEU A 112 18.60 -3.00 -34.26
CA LEU A 112 17.74 -1.84 -34.00
C LEU A 112 16.32 -2.05 -34.51
N LEU A 113 15.38 -2.09 -33.56
CA LEU A 113 13.97 -2.31 -33.86
C LEU A 113 13.16 -1.03 -33.65
N THR A 114 12.54 -0.57 -34.73
CA THR A 114 11.77 0.65 -34.72
C THR A 114 10.29 0.37 -34.92
N MET A 115 9.45 0.98 -34.06
CA MET A 115 8.01 0.75 -34.09
C MET A 115 7.18 2.04 -34.03
N GLU A 116 6.15 2.12 -34.88
CA GLU A 116 5.18 3.21 -34.85
C GLU A 116 3.89 2.73 -34.18
N PHE A 117 3.40 3.50 -33.23
CA PHE A 117 2.24 3.10 -32.45
C PHE A 117 1.26 4.25 -32.24
N ALA A 118 0.02 3.89 -31.93
CA ALA A 118 -1.03 4.84 -31.59
C ALA A 118 -1.91 4.30 -30.45
N GLY A 119 -2.18 5.17 -29.48
CA GLY A 119 -3.00 4.79 -28.34
C GLY A 119 -3.99 5.84 -27.93
N TRP A 120 -4.78 5.50 -26.89
CA TRP A 120 -5.81 6.35 -26.34
C TRP A 120 -5.39 6.95 -24.99
N LEU A 121 -5.88 8.17 -24.71
CA LEU A 121 -5.58 8.87 -23.47
C LEU A 121 -6.78 8.85 -22.50
N ASN A 122 -7.90 8.25 -22.94
CA ASN A 122 -9.19 8.27 -22.21
C ASN A 122 -9.49 6.93 -21.60
N GLY A 123 -10.48 6.92 -20.70
CA GLY A 123 -11.04 5.69 -20.15
C GLY A 123 -10.14 4.91 -19.23
N SER A 124 -9.06 5.52 -18.73
CA SER A 124 -8.05 4.76 -17.97
C SER A 124 -7.11 5.59 -17.11
N LEU A 125 -6.62 4.97 -16.05
CA LEU A 125 -5.63 5.62 -15.18
C LEU A 125 -4.25 4.96 -15.28
N VAL A 126 -4.09 4.05 -16.24
CA VAL A 126 -2.79 3.37 -16.45
C VAL A 126 -2.27 3.63 -17.86
N GLY A 127 -1.00 3.34 -18.11
CA GLY A 127 -0.39 3.73 -19.36
C GLY A 127 -0.21 5.22 -19.38
N PHE A 128 -0.49 5.82 -20.53
CA PHE A 128 -0.36 7.24 -20.79
C PHE A 128 -1.78 7.77 -20.94
N TYR A 129 -2.15 8.74 -20.09
CA TYR A 129 -3.54 9.20 -20.05
C TYR A 129 -3.64 10.68 -19.75
N ARG A 130 -4.83 11.22 -19.99
CA ARG A 130 -5.12 12.63 -19.76
C ARG A 130 -6.26 12.75 -18.77
N THR A 131 -6.18 13.77 -17.92
CA THR A 131 -7.25 14.08 -16.98
C THR A 131 -7.34 15.60 -16.89
N THR A 132 -8.43 16.09 -16.33
CA THR A 132 -8.64 17.53 -16.30
C THR A 132 -8.79 18.11 -14.88
N TYR A 133 -8.72 19.42 -14.80
CA TYR A 133 -8.99 20.14 -13.57
C TYR A 133 -9.44 21.52 -13.96
N THR A 134 -9.99 22.27 -13.01
CA THR A 134 -10.54 23.60 -13.28
C THR A 134 -9.64 24.67 -12.68
N GLU A 135 -9.33 25.67 -13.49
CA GLU A 135 -8.52 26.80 -13.03
C GLU A 135 -9.16 28.09 -13.53
N ASN A 136 -9.46 28.99 -12.59
CA ASN A 136 -10.17 30.23 -12.88
C ASN A 136 -11.33 30.00 -13.86
N GLY A 137 -12.08 28.92 -13.63
CA GLY A 137 -13.26 28.61 -14.43
C GLY A 137 -13.00 27.91 -15.76
N ARG A 138 -11.74 27.79 -16.16
CA ARG A 138 -11.37 27.10 -17.40
C ARG A 138 -11.03 25.65 -17.12
N VAL A 139 -11.45 24.75 -18.01
CA VAL A 139 -11.03 23.36 -17.90
C VAL A 139 -9.63 23.20 -18.50
N LYS A 140 -8.69 22.73 -17.69
CA LYS A 140 -7.33 22.52 -18.13
C LYS A 140 -7.00 21.05 -18.17
N SER A 141 -5.98 20.69 -18.95
CA SER A 141 -5.56 19.31 -19.16
C SER A 141 -4.17 19.02 -18.62
N ILE A 142 -3.94 17.79 -18.21
CA ILE A 142 -2.62 17.28 -17.84
C ILE A 142 -2.58 15.83 -18.26
N ALA A 143 -1.44 15.41 -18.80
CA ALA A 143 -1.27 14.04 -19.24
C ALA A 143 -0.08 13.50 -18.52
N ALA A 144 -0.14 12.23 -18.14
CA ALA A 144 0.95 11.60 -17.44
C ALA A 144 0.86 10.10 -17.66
N THR A 145 1.90 9.40 -17.23
CA THR A 145 1.95 7.94 -17.32
C THR A 145 1.92 7.30 -15.93
N ASP A 146 1.42 6.06 -15.86
CA ASP A 146 1.57 5.22 -14.70
C ASP A 146 1.70 3.76 -15.12
N HIS A 147 2.79 3.11 -14.70
CA HIS A 147 3.17 1.83 -15.29
C HIS A 147 3.23 0.59 -14.38
N GLU A 148 3.51 0.74 -13.09
CA GLU A 148 3.75 -0.44 -12.23
C GLU A 148 2.48 -1.20 -11.93
N PRO A 149 2.50 -2.53 -12.15
CA PRO A 149 3.67 -3.28 -12.62
C PRO A 149 3.78 -3.55 -14.12
N THR A 150 2.68 -3.82 -14.81
CA THR A 150 2.76 -4.26 -16.20
C THR A 150 1.97 -3.37 -17.16
N ASP A 151 2.09 -2.05 -16.99
CA ASP A 151 1.37 -1.09 -17.84
C ASP A 151 2.24 -0.20 -18.75
N ALA A 152 3.56 -0.29 -18.62
CA ALA A 152 4.44 0.43 -19.55
C ALA A 152 4.15 -0.01 -20.98
N ARG A 153 3.82 -1.28 -21.14
CA ARG A 153 3.42 -1.88 -22.40
C ARG A 153 2.14 -1.30 -23.01
N LYS A 154 1.35 -0.57 -22.20
CA LYS A 154 0.18 0.15 -22.73
C LYS A 154 0.61 1.50 -23.27
N SER A 155 1.58 2.14 -22.61
CA SER A 155 2.12 3.41 -23.08
C SER A 155 2.83 3.23 -24.41
N PHE A 156 3.82 2.34 -24.45
CA PHE A 156 4.61 2.12 -25.66
C PHE A 156 5.10 0.66 -25.73
N PRO A 157 5.43 0.17 -26.93
CA PRO A 157 5.98 -1.19 -27.00
C PRO A 157 7.31 -1.26 -26.24
N CYS A 158 7.46 -2.25 -25.34
CA CYS A 158 8.71 -2.40 -24.59
C CYS A 158 8.92 -3.82 -24.06
N PHE A 159 10.12 -4.07 -23.55
CA PHE A 159 10.43 -5.32 -22.88
C PHE A 159 10.05 -5.15 -21.41
N ASP A 160 8.79 -5.41 -21.12
CA ASP A 160 8.15 -4.95 -19.90
C ASP A 160 8.34 -5.91 -18.71
N GLU A 161 9.62 -6.18 -18.40
CA GLU A 161 10.00 -6.94 -17.21
C GLU A 161 11.07 -6.17 -16.45
N PRO A 162 10.99 -6.17 -15.11
CA PRO A 162 11.88 -5.37 -14.26
C PRO A 162 13.37 -5.60 -14.44
N ASN A 163 13.76 -6.80 -14.90
CA ASN A 163 15.18 -7.09 -15.10
C ASN A 163 15.71 -6.78 -16.50
N LYS A 164 14.84 -6.33 -17.41
CA LYS A 164 15.28 -5.91 -18.75
C LYS A 164 15.62 -4.42 -18.75
N LYS A 165 16.58 -4.05 -17.92
CA LYS A 165 16.97 -2.65 -17.76
C LYS A 165 17.62 -2.14 -19.04
N ALA A 166 17.19 -0.96 -19.44
CA ALA A 166 17.77 -0.29 -20.60
C ALA A 166 17.91 1.19 -20.28
N THR A 167 18.64 1.91 -21.13
CA THR A 167 18.79 3.35 -20.96
C THR A 167 17.74 4.07 -21.82
N TYR A 168 17.41 5.31 -21.46
CA TYR A 168 16.30 6.02 -22.10
C TYR A 168 16.63 7.45 -22.48
N THR A 169 16.40 7.79 -23.75
CA THR A 169 16.32 9.19 -24.18
C THR A 169 14.93 9.45 -24.75
N ILE A 170 14.15 10.23 -23.99
CA ILE A 170 12.76 10.47 -24.30
C ILE A 170 12.57 11.86 -24.89
N SER A 171 11.68 11.95 -25.88
CA SER A 171 11.26 13.23 -26.44
C SER A 171 9.74 13.29 -26.56
N ILE A 172 9.18 14.48 -26.38
CA ILE A 172 7.74 14.67 -26.50
C ILE A 172 7.44 15.90 -27.34
N THR A 173 6.53 15.73 -28.30
CA THR A 173 5.99 16.85 -29.08
C THR A 173 4.61 17.25 -28.56
N HIS A 174 4.52 18.48 -28.02
CA HIS A 174 3.34 18.96 -27.29
C HIS A 174 2.98 20.38 -27.71
N PRO A 175 1.73 20.83 -27.42
CA PRO A 175 1.47 22.26 -27.68
C PRO A 175 2.40 23.13 -26.83
N LYS A 176 2.80 24.28 -27.37
CA LYS A 176 3.75 25.16 -26.70
C LYS A 176 3.28 25.76 -25.35
N GLU A 177 1.96 25.89 -25.15
CA GLU A 177 1.39 26.34 -23.87
C GLU A 177 1.76 25.39 -22.73
N TYR A 178 2.21 24.18 -23.07
CA TYR A 178 2.49 23.14 -22.07
C TYR A 178 3.97 22.96 -21.81
N GLY A 179 4.30 22.62 -20.57
CA GLY A 179 5.64 22.14 -20.25
C GLY A 179 5.63 20.63 -20.36
N ALA A 180 6.81 20.04 -20.49
CA ALA A 180 6.95 18.59 -20.52
C ALA A 180 7.97 18.13 -19.49
N LEU A 181 7.61 17.09 -18.76
CA LEU A 181 8.47 16.51 -17.72
C LEU A 181 8.77 15.04 -18.01
N SER A 182 9.94 14.59 -17.55
CA SER A 182 10.27 13.17 -17.54
C SER A 182 11.23 12.82 -16.40
N ASN A 183 11.76 11.61 -16.44
CA ASN A 183 12.76 11.14 -15.49
C ASN A 183 13.98 12.07 -15.44
N MET A 184 14.53 12.42 -16.60
CA MET A 184 15.76 13.23 -16.70
C MET A 184 15.46 14.72 -16.87
N PRO A 185 16.49 15.59 -16.68
CA PRO A 185 16.31 17.01 -17.01
C PRO A 185 16.00 17.23 -18.49
N VAL A 186 15.54 18.43 -18.80
CA VAL A 186 15.36 18.86 -20.18
C VAL A 186 16.73 19.05 -20.83
N ALA A 187 16.93 18.41 -21.99
CA ALA A 187 18.15 18.60 -22.76
C ALA A 187 18.00 19.77 -23.73
N LYS A 188 17.05 19.65 -24.64
CA LYS A 188 16.77 20.69 -25.63
C LYS A 188 15.29 20.79 -26.02
N GLU A 189 14.85 22.02 -26.30
CA GLU A 189 13.48 22.30 -26.76
C GLU A 189 13.54 22.98 -28.13
N GLU A 190 12.91 22.39 -29.13
CA GLU A 190 12.85 23.00 -30.47
C GLU A 190 11.41 23.15 -31.00
N SER A 191 11.17 24.25 -31.70
CA SER A 191 9.84 24.56 -32.23
C SER A 191 9.55 23.72 -33.46
N VAL A 192 8.44 22.98 -33.42
CA VAL A 192 8.00 22.23 -34.59
C VAL A 192 7.23 23.17 -35.53
N ASP A 193 6.24 23.83 -34.95
CA ASP A 193 5.35 24.76 -35.61
C ASP A 193 5.51 26.06 -34.87
N ASP A 194 4.67 27.04 -35.21
CA ASP A 194 4.45 28.15 -34.30
C ASP A 194 3.54 27.73 -33.12
N LYS A 195 3.02 26.50 -33.16
CA LYS A 195 2.11 26.00 -32.13
C LYS A 195 2.67 24.85 -31.28
N TRP A 196 3.58 24.08 -31.84
CA TRP A 196 4.09 22.87 -31.19
C TRP A 196 5.56 22.95 -30.82
N THR A 197 5.90 22.25 -29.72
CA THR A 197 7.27 22.19 -29.21
C THR A 197 7.69 20.74 -29.05
N ARG A 198 8.95 20.45 -29.36
CA ARG A 198 9.54 19.13 -29.14
C ARG A 198 10.54 19.25 -28.00
N THR A 199 10.22 18.58 -26.90
CA THR A 199 11.06 18.59 -25.71
C THR A 199 11.82 17.28 -25.65
N THR A 200 13.14 17.34 -25.81
CA THR A 200 13.98 16.15 -25.70
C THR A 200 14.68 16.14 -24.35
N PHE A 201 14.70 14.98 -23.70
CA PHE A 201 15.36 14.83 -22.39
C PHE A 201 16.72 14.14 -22.53
N GLU A 202 17.62 14.41 -21.57
CA GLU A 202 18.94 13.76 -21.58
C GLU A 202 18.90 12.28 -21.25
N LYS A 203 19.91 11.53 -21.69
CA LYS A 203 19.94 10.07 -21.54
C LYS A 203 19.79 9.68 -20.08
N SER A 204 19.01 8.64 -19.83
CA SER A 204 18.85 8.12 -18.47
C SER A 204 19.95 7.12 -18.15
N VAL A 205 20.13 6.86 -16.85
CA VAL A 205 20.90 5.72 -16.40
C VAL A 205 20.06 4.47 -16.75
N PRO A 206 20.69 3.28 -16.81
CA PRO A 206 19.87 2.10 -17.07
C PRO A 206 18.79 1.94 -15.99
N MET A 207 17.54 1.70 -16.42
CA MET A 207 16.40 1.60 -15.50
C MET A 207 15.31 0.65 -16.01
N SER A 208 14.41 0.27 -15.10
CA SER A 208 13.29 -0.62 -15.42
C SER A 208 12.16 0.13 -16.13
N THR A 209 11.43 -0.58 -16.99
CA THR A 209 10.34 0.02 -17.76
C THR A 209 9.24 0.60 -16.87
N TYR A 210 8.92 -0.07 -15.77
CA TYR A 210 7.83 0.41 -14.91
C TYR A 210 8.15 1.77 -14.29
N LEU A 211 9.43 2.16 -14.35
CA LEU A 211 9.88 3.44 -13.77
C LEU A 211 9.88 4.59 -14.78
N VAL A 212 9.78 4.27 -16.06
CA VAL A 212 9.76 5.29 -17.11
C VAL A 212 8.51 6.17 -16.97
N CYS A 213 8.68 7.49 -17.01
CA CYS A 213 7.57 8.42 -16.80
C CYS A 213 7.74 9.73 -17.54
N PHE A 214 6.63 10.22 -18.07
CA PHE A 214 6.58 11.54 -18.69
C PHE A 214 5.22 12.17 -18.49
N ALA A 215 5.19 13.50 -18.58
CA ALA A 215 3.97 14.26 -18.34
C ALA A 215 3.96 15.56 -19.13
N VAL A 216 2.76 16.00 -19.49
CA VAL A 216 2.55 17.27 -20.16
C VAL A 216 1.60 18.09 -19.28
N HIS A 217 2.03 19.29 -18.88
CA HIS A 217 1.36 20.00 -17.79
C HIS A 217 1.48 21.51 -17.89
N GLN A 218 0.59 22.20 -17.18
CA GLN A 218 0.67 23.64 -16.99
C GLN A 218 0.73 23.99 -15.50
N PHE A 219 1.43 23.16 -14.73
CA PHE A 219 1.53 23.34 -13.28
C PHE A 219 2.58 24.40 -12.91
N ASP A 220 2.32 25.11 -11.82
CA ASP A 220 3.31 25.99 -11.21
C ASP A 220 4.26 25.09 -10.41
N SER A 221 5.23 25.67 -9.71
CA SER A 221 6.19 24.86 -8.93
C SER A 221 6.69 25.51 -7.65
N VAL A 222 7.07 24.67 -6.70
CA VAL A 222 7.70 25.09 -5.45
C VAL A 222 9.04 24.38 -5.45
N LYS A 223 10.10 25.09 -5.08
CA LYS A 223 11.47 24.61 -5.28
C LYS A 223 12.29 24.53 -4.01
N ARG A 224 13.14 23.50 -3.93
CA ARG A 224 14.17 23.41 -2.90
C ARG A 224 15.48 22.84 -3.45
N ILE A 225 16.56 23.02 -2.71
CA ILE A 225 17.87 22.55 -3.15
C ILE A 225 18.48 21.61 -2.10
N SER A 226 18.85 20.41 -2.55
CA SER A 226 19.48 19.41 -1.69
C SER A 226 20.86 19.87 -1.23
N ASN A 227 21.40 19.18 -0.23
CA ASN A 227 22.79 19.37 0.16
C ASN A 227 23.71 19.03 -1.00
N SER A 228 23.25 18.13 -1.86
CA SER A 228 23.95 17.72 -3.08
C SER A 228 24.08 18.86 -4.09
N GLY A 229 23.24 19.89 -3.95
CA GLY A 229 23.18 20.99 -4.92
C GLY A 229 22.22 20.73 -6.07
N LYS A 230 21.42 19.67 -5.95
CA LYS A 230 20.48 19.28 -6.99
C LYS A 230 19.07 19.82 -6.71
N PRO A 231 18.37 20.29 -7.77
CA PRO A 231 17.03 20.85 -7.60
C PRO A 231 15.94 19.81 -7.29
N LEU A 232 15.30 19.97 -6.14
CA LEU A 232 14.15 19.16 -5.76
C LEU A 232 12.91 20.06 -5.85
N THR A 233 12.03 19.75 -6.81
CA THR A 233 10.89 20.61 -7.04
C THR A 233 9.56 19.84 -7.04
N ILE A 234 8.53 20.47 -6.51
CA ILE A 234 7.20 19.90 -6.49
C ILE A 234 6.30 20.73 -7.40
N TYR A 235 5.74 20.07 -8.41
CA TYR A 235 4.83 20.73 -9.33
C TYR A 235 3.42 20.65 -8.79
N VAL A 236 2.69 21.75 -8.92
CA VAL A 236 1.40 21.94 -8.24
C VAL A 236 0.55 22.98 -8.97
N GLN A 237 -0.75 22.71 -9.08
CA GLN A 237 -1.69 23.71 -9.59
C GLN A 237 -1.49 25.04 -8.88
N PRO A 238 -1.49 26.16 -9.64
CA PRO A 238 -1.37 27.50 -9.04
C PRO A 238 -2.31 27.75 -7.84
N GLU A 239 -3.57 27.38 -8.00
CA GLU A 239 -4.58 27.46 -6.95
C GLU A 239 -4.13 26.79 -5.65
N GLN A 240 -3.40 25.69 -5.79
CA GLN A 240 -3.01 24.86 -4.67
C GLN A 240 -1.55 25.07 -4.28
N LYS A 241 -0.89 26.06 -4.86
CA LYS A 241 0.56 26.21 -4.71
C LYS A 241 1.02 26.21 -3.24
N HIS A 242 0.24 26.85 -2.38
CA HIS A 242 0.57 26.99 -0.96
C HIS A 242 0.58 25.64 -0.22
N THR A 243 -0.12 24.65 -0.76
CA THR A 243 -0.22 23.35 -0.11
C THR A 243 0.93 22.42 -0.49
N ALA A 244 1.87 22.93 -1.28
CA ALA A 244 3.04 22.14 -1.68
C ALA A 244 4.21 22.37 -0.74
N GLU A 245 4.07 23.34 0.17
CA GLU A 245 5.15 23.77 1.06
C GLU A 245 5.68 22.65 1.94
N TYR A 246 4.78 21.95 2.63
CA TYR A 246 5.18 20.92 3.59
C TYR A 246 5.88 19.76 2.89
N ALA A 247 5.32 19.30 1.78
CA ALA A 247 5.94 18.22 1.01
C ALA A 247 7.34 18.62 0.55
N ALA A 248 7.53 19.91 0.24
CA ALA A 248 8.82 20.42 -0.23
C ALA A 248 9.84 20.31 0.89
N ASN A 249 9.41 20.74 2.08
CA ASN A 249 10.23 20.62 3.28
C ASN A 249 10.67 19.19 3.53
N ILE A 250 9.72 18.26 3.58
CA ILE A 250 10.03 16.87 3.88
C ILE A 250 10.90 16.22 2.81
N THR A 251 10.64 16.53 1.54
CA THR A 251 11.46 16.01 0.43
C THR A 251 12.93 16.36 0.65
N LYS A 252 13.19 17.62 0.98
CA LYS A 252 14.53 18.11 1.28
C LYS A 252 15.18 17.33 2.43
N SER A 253 14.51 17.35 3.59
CA SER A 253 15.00 16.73 4.80
C SER A 253 15.25 15.23 4.63
N VAL A 254 14.31 14.54 4.00
CA VAL A 254 14.40 13.08 3.88
C VAL A 254 15.35 12.67 2.76
N PHE A 255 15.41 13.46 1.71
CA PHE A 255 16.40 13.28 0.64
C PHE A 255 17.83 13.37 1.18
N ASP A 256 18.11 14.43 1.95
CA ASP A 256 19.41 14.62 2.57
C ASP A 256 19.75 13.54 3.58
N TYR A 257 18.75 13.15 4.39
CA TYR A 257 18.95 12.10 5.38
C TYR A 257 19.30 10.75 4.74
N PHE A 258 18.56 10.37 3.70
CA PHE A 258 18.78 9.08 3.06
C PHE A 258 20.11 8.98 2.35
N GLU A 259 20.45 10.00 1.56
CA GLU A 259 21.69 10.02 0.79
C GLU A 259 22.89 9.69 1.67
N GLU A 260 22.91 10.30 2.86
CA GLU A 260 23.92 10.04 3.87
C GLU A 260 23.76 8.63 4.46
N TYR A 261 22.54 8.27 4.84
CA TYR A 261 22.30 6.96 5.48
C TYR A 261 22.69 5.77 4.61
N PHE A 262 22.44 5.87 3.32
CA PHE A 262 22.74 4.77 2.41
C PHE A 262 24.15 4.86 1.85
N ALA A 263 24.84 5.96 2.18
CA ALA A 263 26.20 6.23 1.71
C ALA A 263 26.30 6.19 0.18
N MET A 264 25.26 6.68 -0.48
CA MET A 264 25.18 6.63 -1.94
C MET A 264 24.48 7.87 -2.49
N ASN A 265 25.08 8.40 -3.55
CA ASN A 265 24.52 9.54 -4.26
C ASN A 265 23.29 9.12 -5.05
N TYR A 266 22.24 9.95 -4.95
CA TYR A 266 21.06 9.86 -5.82
C TYR A 266 21.54 9.93 -7.27
N SER A 267 21.07 9.00 -8.09
CA SER A 267 21.69 8.75 -9.40
C SER A 267 21.41 9.79 -10.49
N LEU A 268 20.47 10.70 -10.26
CA LEU A 268 20.03 11.63 -11.31
C LEU A 268 20.34 13.09 -10.96
N PRO A 269 20.33 14.01 -11.96
CA PRO A 269 20.64 15.41 -11.69
C PRO A 269 19.51 16.19 -11.00
N LYS A 270 18.27 15.71 -11.12
CA LYS A 270 17.14 16.38 -10.46
C LYS A 270 16.09 15.39 -9.95
N LEU A 271 15.22 15.90 -9.10
CA LEU A 271 14.09 15.13 -8.62
C LEU A 271 12.85 16.01 -8.59
N ASP A 272 11.79 15.49 -9.21
CA ASP A 272 10.51 16.18 -9.31
C ASP A 272 9.42 15.35 -8.64
N LYS A 273 8.46 16.03 -8.04
CA LYS A 273 7.23 15.40 -7.56
C LYS A 273 6.03 16.15 -8.13
N ILE A 274 4.96 15.41 -8.41
CA ILE A 274 3.77 16.02 -8.99
C ILE A 274 2.57 15.15 -8.68
N ALA A 275 1.48 15.80 -8.26
CA ALA A 275 0.24 15.08 -8.02
C ALA A 275 -0.68 15.24 -9.22
N ILE A 276 -1.04 14.12 -9.83
CA ILE A 276 -1.97 14.11 -10.96
C ILE A 276 -3.39 14.20 -10.39
N PRO A 277 -4.24 15.08 -10.94
CA PRO A 277 -5.57 15.33 -10.41
C PRO A 277 -6.46 14.08 -10.27
N ASP A 278 -6.22 13.08 -11.10
CA ASP A 278 -6.89 11.79 -11.00
C ASP A 278 -5.78 10.76 -11.11
N PHE A 279 -5.55 10.00 -10.04
CA PHE A 279 -4.39 9.10 -10.00
C PHE A 279 -4.71 7.75 -9.35
N GLY A 280 -4.41 6.68 -10.08
CA GLY A 280 -4.85 5.32 -9.74
C GLY A 280 -4.30 4.61 -8.51
N THR A 281 -3.15 5.04 -8.00
CA THR A 281 -2.60 4.51 -6.74
C THR A 281 -2.27 5.64 -5.76
N GLY A 282 -1.54 5.31 -4.71
CA GLY A 282 -1.17 6.29 -3.73
C GLY A 282 -0.10 7.22 -4.30
N ALA A 283 0.91 6.59 -4.86
CA ALA A 283 2.05 7.28 -5.46
C ALA A 283 2.93 6.28 -6.18
N MET A 284 3.82 6.79 -7.03
CA MET A 284 4.69 5.96 -7.83
C MET A 284 6.09 6.60 -7.88
N GLU A 285 7.12 5.78 -7.69
CA GLU A 285 8.47 6.24 -7.50
C GLU A 285 9.25 6.47 -8.79
N ASN A 286 8.55 6.74 -9.88
CA ASN A 286 9.22 6.95 -11.17
C ASN A 286 10.49 7.76 -10.96
N TRP A 287 11.62 7.21 -11.38
CA TRP A 287 12.93 7.81 -11.14
C TRP A 287 12.96 9.26 -11.57
N GLY A 288 13.17 10.18 -10.62
CA GLY A 288 13.26 11.61 -10.92
C GLY A 288 11.94 12.34 -11.10
N LEU A 289 10.85 11.60 -11.24
CA LEU A 289 9.54 12.18 -11.47
C LEU A 289 8.47 11.37 -10.75
N ILE A 290 8.34 11.65 -9.45
CA ILE A 290 7.48 10.85 -8.57
C ILE A 290 6.09 11.43 -8.63
N THR A 291 5.13 10.58 -8.97
CA THR A 291 3.74 11.01 -9.13
C THR A 291 2.95 10.69 -7.86
N TYR A 292 1.95 11.53 -7.54
CA TYR A 292 1.14 11.36 -6.33
C TYR A 292 -0.34 11.49 -6.57
N ARG A 293 -1.11 10.92 -5.65
CA ARG A 293 -2.49 11.31 -5.47
C ARG A 293 -2.42 12.54 -4.58
N GLU A 294 -3.23 13.55 -4.86
CA GLU A 294 -3.15 14.80 -4.10
C GLU A 294 -3.21 14.63 -2.56
N THR A 295 -4.01 13.68 -2.08
CA THR A 295 -4.13 13.43 -0.62
C THR A 295 -2.80 13.02 0.05
N ASN A 296 -1.88 12.48 -0.74
CA ASN A 296 -0.57 12.02 -0.24
C ASN A 296 0.58 13.00 -0.45
N LEU A 297 0.28 14.17 -1.00
CA LEU A 297 1.31 15.17 -1.31
C LEU A 297 0.96 16.56 -0.79
N LEU A 298 -0.32 16.92 -0.87
CA LEU A 298 -0.73 18.30 -0.67
C LEU A 298 -1.43 18.51 0.67
N TYR A 299 -0.87 19.41 1.47
CA TYR A 299 -1.21 19.54 2.88
C TYR A 299 -1.35 21.01 3.24
N ASP A 300 -2.45 21.36 3.89
CA ASP A 300 -2.69 22.73 4.33
C ASP A 300 -2.73 22.78 5.86
N PRO A 301 -1.74 23.43 6.49
CA PRO A 301 -1.74 23.45 7.96
C PRO A 301 -3.02 24.06 8.54
N LYS A 302 -3.70 24.91 7.76
CA LYS A 302 -4.90 25.58 8.24
C LYS A 302 -6.18 24.76 8.04
N GLU A 303 -6.08 23.65 7.30
CA GLU A 303 -7.26 22.86 6.96
C GLU A 303 -7.05 21.35 7.11
N SER A 304 -5.82 20.89 6.99
CA SER A 304 -5.49 19.47 7.03
C SER A 304 -5.21 18.99 8.45
N ALA A 305 -5.43 17.71 8.73
CA ALA A 305 -5.23 17.14 10.06
C ALA A 305 -3.80 16.62 10.26
N SER A 306 -3.44 16.37 11.52
CA SER A 306 -2.16 15.78 11.88
C SER A 306 -1.98 14.43 11.20
N SER A 307 -3.08 13.69 11.09
CA SER A 307 -3.13 12.44 10.35
C SER A 307 -2.72 12.62 8.88
N ASN A 308 -3.24 13.68 8.26
CA ASN A 308 -2.85 14.07 6.90
C ASN A 308 -1.36 14.42 6.79
N GLN A 309 -0.88 15.21 7.75
CA GLN A 309 0.52 15.61 7.81
C GLN A 309 1.44 14.40 7.79
N GLN A 310 1.10 13.41 8.61
CA GLN A 310 1.92 12.22 8.78
C GLN A 310 1.86 11.35 7.54
N ARG A 311 0.67 11.25 6.95
CA ARG A 311 0.51 10.53 5.70
C ARG A 311 1.36 11.14 4.59
N VAL A 312 1.34 12.47 4.46
CA VAL A 312 2.16 13.16 3.44
C VAL A 312 3.63 12.84 3.67
N ALA A 313 4.12 13.09 4.88
CA ALA A 313 5.51 12.85 5.22
C ALA A 313 5.96 11.42 4.94
N THR A 314 5.11 10.45 5.31
N THR A 314 5.13 10.43 5.31
CA THR A 314 5.41 9.03 5.17
CA THR A 314 5.48 9.02 5.13
C THR A 314 5.45 8.55 3.71
C THR A 314 5.47 8.56 3.68
N VAL A 315 4.49 9.01 2.90
CA VAL A 315 4.43 8.64 1.47
C VAL A 315 5.62 9.28 0.74
N VAL A 316 5.90 10.54 1.05
CA VAL A 316 7.06 11.20 0.48
C VAL A 316 8.33 10.41 0.84
N ALA A 317 8.50 10.09 2.11
CA ALA A 317 9.66 9.34 2.56
C ALA A 317 9.71 7.99 1.84
N HIS A 318 8.57 7.32 1.79
CA HIS A 318 8.40 6.03 1.11
C HIS A 318 8.94 6.10 -0.31
N GLU A 319 8.47 7.09 -1.07
CA GLU A 319 8.84 7.23 -2.47
C GLU A 319 10.31 7.57 -2.62
N LEU A 320 10.85 8.32 -1.66
CA LEU A 320 12.27 8.63 -1.66
C LEU A 320 13.12 7.37 -1.44
N VAL A 321 12.70 6.48 -0.54
CA VAL A 321 13.46 5.24 -0.31
C VAL A 321 13.67 4.51 -1.63
N HIS A 322 12.61 4.46 -2.44
CA HIS A 322 12.66 3.78 -3.73
C HIS A 322 13.73 4.32 -4.67
N GLN A 323 14.11 5.58 -4.51
CA GLN A 323 15.18 6.14 -5.33
C GLN A 323 16.44 5.33 -5.13
N TRP A 324 16.55 4.65 -3.99
CA TRP A 324 17.63 3.70 -3.75
C TRP A 324 17.12 2.27 -3.88
N PHE A 325 16.22 1.86 -2.99
CA PHE A 325 15.69 0.50 -3.01
C PHE A 325 14.49 0.38 -3.93
N GLY A 326 14.75 -0.13 -5.13
CA GLY A 326 13.75 -0.22 -6.18
C GLY A 326 14.28 0.37 -7.46
N ASN A 327 14.87 1.55 -7.36
CA ASN A 327 15.34 2.28 -8.54
C ASN A 327 16.79 1.96 -8.90
N ILE A 328 17.72 2.24 -8.00
CA ILE A 328 19.13 1.86 -8.18
C ILE A 328 19.25 0.34 -8.22
N VAL A 329 18.78 -0.32 -7.17
CA VAL A 329 18.70 -1.77 -7.13
C VAL A 329 17.23 -2.19 -7.24
N THR A 330 16.94 -3.03 -8.22
CA THR A 330 15.59 -3.50 -8.49
C THR A 330 15.54 -5.01 -8.26
N MET A 331 14.39 -5.54 -7.87
CA MET A 331 14.24 -6.99 -7.78
C MET A 331 14.36 -7.60 -9.17
N ASP A 332 14.89 -8.82 -9.23
CA ASP A 332 15.03 -9.53 -10.50
C ASP A 332 13.66 -9.91 -11.06
N TRP A 333 12.75 -10.30 -10.19
CA TRP A 333 11.42 -10.69 -10.61
C TRP A 333 10.40 -10.32 -9.51
N TRP A 334 9.14 -10.19 -9.89
CA TRP A 334 8.08 -9.71 -8.99
C TRP A 334 7.90 -10.56 -7.72
N GLU A 335 8.35 -11.81 -7.79
CA GLU A 335 8.34 -12.67 -6.61
C GLU A 335 9.11 -12.06 -5.46
N ASP A 336 10.13 -11.26 -5.79
CA ASP A 336 10.95 -10.57 -4.80
C ASP A 336 10.53 -9.11 -4.57
N LEU A 337 9.31 -8.77 -4.99
CA LEU A 337 8.77 -7.40 -4.84
C LEU A 337 9.02 -6.78 -3.47
N TRP A 338 9.01 -7.61 -2.41
CA TRP A 338 9.29 -7.11 -1.07
C TRP A 338 10.64 -6.37 -0.96
N LEU A 339 11.60 -6.72 -1.81
CA LEU A 339 12.90 -6.03 -1.84
C LEU A 339 12.73 -4.56 -2.17
N ASN A 340 11.65 -4.25 -2.88
CA ASN A 340 11.26 -2.88 -3.16
C ASN A 340 10.38 -2.34 -2.05
N GLU A 341 9.24 -2.98 -1.87
CA GLU A 341 8.16 -2.44 -1.06
C GLU A 341 8.37 -2.54 0.44
N GLY A 342 8.94 -3.67 0.87
CA GLY A 342 9.23 -3.89 2.28
C GLY A 342 10.29 -2.93 2.78
N PHE A 343 11.29 -2.69 1.93
CA PHE A 343 12.36 -1.75 2.25
C PHE A 343 11.86 -0.32 2.34
N ALA A 344 11.05 0.09 1.36
CA ALA A 344 10.41 1.39 1.40
C ALA A 344 9.50 1.53 2.63
N SER A 345 8.72 0.49 2.91
CA SER A 345 7.83 0.48 4.07
C SER A 345 8.60 0.51 5.40
N PHE A 346 9.83 -0.02 5.40
CA PHE A 346 10.68 0.04 6.59
C PHE A 346 11.35 1.40 6.76
N PHE A 347 12.10 1.81 5.74
CA PHE A 347 12.90 3.03 5.81
C PHE A 347 12.06 4.31 5.86
N GLU A 348 10.80 4.24 5.41
CA GLU A 348 9.91 5.40 5.45
C GLU A 348 9.80 5.96 6.88
N PHE A 349 9.79 5.06 7.85
CA PHE A 349 9.74 5.42 9.28
C PHE A 349 11.03 6.11 9.75
N LEU A 350 12.17 5.65 9.25
CA LEU A 350 13.46 6.25 9.57
C LEU A 350 13.58 7.65 8.97
N GLY A 351 13.13 7.79 7.73
CA GLY A 351 13.09 9.09 7.07
C GLY A 351 12.24 10.09 7.84
N VAL A 352 10.97 9.76 8.05
CA VAL A 352 10.07 10.70 8.74
C VAL A 352 10.51 11.00 10.18
N ASN A 353 11.08 9.99 10.85
CA ASN A 353 11.60 10.14 12.20
C ASN A 353 12.72 11.18 12.31
N HIS A 354 13.56 11.26 11.26
CA HIS A 354 14.56 12.30 11.15
C HIS A 354 13.91 13.66 10.91
N ALA A 355 12.91 13.70 10.04
CA ALA A 355 12.26 14.97 9.70
C ALA A 355 11.42 15.50 10.84
N GLU A 356 10.71 14.59 11.52
CA GLU A 356 9.77 14.95 12.59
C GLU A 356 10.11 14.17 13.85
N THR A 357 10.70 14.88 14.81
CA THR A 357 11.35 14.30 15.98
C THR A 357 10.41 13.71 17.03
N ASP A 358 9.35 14.45 17.38
CA ASP A 358 8.46 14.02 18.46
C ASP A 358 7.25 13.19 17.99
N TRP A 359 7.40 12.55 16.83
CA TRP A 359 6.30 11.78 16.24
C TRP A 359 6.26 10.32 16.68
N GLN A 360 7.24 9.91 17.49
CA GLN A 360 7.37 8.53 17.97
C GLN A 360 7.18 7.51 16.83
N MET A 361 7.75 7.82 15.67
CA MET A 361 7.52 7.04 14.45
C MET A 361 7.90 5.57 14.59
N ARG A 362 9.07 5.29 15.17
CA ARG A 362 9.53 3.90 15.33
C ARG A 362 8.52 3.03 16.04
N ASP A 363 7.94 3.57 17.11
CA ASP A 363 6.84 2.89 17.80
C ASP A 363 5.63 2.75 16.87
N GLN A 364 5.31 3.80 16.11
CA GLN A 364 4.13 3.76 15.24
C GLN A 364 4.16 2.66 14.17
N MET A 365 5.35 2.11 13.90
CA MET A 365 5.49 0.94 13.01
C MET A 365 4.58 -0.20 13.46
N LEU A 366 4.47 -0.36 14.78
CA LEU A 366 3.62 -1.40 15.36
C LEU A 366 2.17 -1.22 14.98
N LEU A 367 1.73 0.04 14.97
CA LEU A 367 0.35 0.38 14.65
C LEU A 367 0.12 0.35 13.15
N GLU A 368 1.11 0.75 12.36
CA GLU A 368 0.94 0.91 10.92
C GLU A 368 1.13 -0.40 10.15
N ASP A 369 2.15 -1.16 10.51
CA ASP A 369 2.51 -2.35 9.74
C ASP A 369 2.51 -3.66 10.53
N VAL A 370 3.17 -3.69 11.69
CA VAL A 370 3.41 -4.94 12.40
C VAL A 370 2.13 -5.65 12.82
N LEU A 371 1.33 -4.97 13.64
CA LEU A 371 0.15 -5.62 14.21
C LEU A 371 -0.98 -5.83 13.20
N PRO A 372 -1.23 -4.85 12.30
CA PRO A 372 -2.22 -5.11 11.26
C PRO A 372 -1.90 -6.35 10.41
N VAL A 373 -0.64 -6.49 9.98
CA VAL A 373 -0.27 -7.64 9.14
C VAL A 373 -0.15 -8.98 9.89
N GLN A 374 0.01 -8.96 11.21
CA GLN A 374 -0.05 -10.22 11.96
C GLN A 374 -1.45 -10.82 11.93
N GLU A 375 -2.45 -9.95 11.77
CA GLU A 375 -3.81 -10.40 11.47
C GLU A 375 -3.88 -11.06 10.08
N ASP A 376 -3.42 -10.35 9.03
CA ASP A 376 -3.42 -10.88 7.66
C ASP A 376 -2.74 -12.24 7.56
N ASP A 377 -1.56 -12.33 8.17
CA ASP A 377 -0.69 -13.49 8.00
C ASP A 377 -1.06 -14.64 8.95
N SER A 378 -2.21 -14.52 9.60
CA SER A 378 -2.71 -15.62 10.43
C SER A 378 -3.84 -16.37 9.70
N LEU A 379 -4.08 -15.99 8.45
CA LEU A 379 -5.04 -16.71 7.61
C LEU A 379 -4.32 -17.77 6.78
N MET A 380 -5.03 -18.86 6.50
CA MET A 380 -4.59 -19.89 5.57
C MET A 380 -4.36 -19.34 4.16
N SER A 381 -5.10 -18.30 3.81
CA SER A 381 -5.07 -17.73 2.48
C SER A 381 -4.10 -16.55 2.36
N SER A 382 -3.15 -16.48 3.28
CA SER A 382 -2.00 -15.59 3.16
C SER A 382 -1.06 -16.23 2.16
N HIS A 383 0.14 -15.66 1.99
CA HIS A 383 1.13 -16.25 1.11
C HIS A 383 2.52 -15.88 1.61
N PRO A 384 3.54 -16.65 1.22
CA PRO A 384 4.88 -16.30 1.69
C PRO A 384 5.35 -14.98 1.08
N ILE A 385 6.35 -14.37 1.70
CA ILE A 385 6.93 -13.13 1.22
C ILE A 385 7.47 -13.30 -0.21
N ILE A 386 8.22 -14.38 -0.45
CA ILE A 386 8.66 -14.71 -1.82
C ILE A 386 7.57 -15.51 -2.53
N VAL A 387 6.92 -14.88 -3.51
CA VAL A 387 5.64 -15.34 -4.09
C VAL A 387 5.73 -15.72 -5.56
N THR A 388 5.33 -16.94 -5.86
CA THR A 388 5.23 -17.38 -7.26
C THR A 388 4.09 -16.64 -7.99
N VAL A 389 4.44 -15.89 -9.04
CA VAL A 389 3.45 -15.16 -9.84
C VAL A 389 3.63 -15.45 -11.32
N THR A 390 2.55 -15.83 -11.99
CA THR A 390 2.63 -16.38 -13.36
C THR A 390 1.76 -15.65 -14.39
N THR A 391 1.03 -14.62 -13.95
CA THR A 391 0.19 -13.80 -14.82
C THR A 391 0.28 -12.34 -14.38
N PRO A 392 -0.03 -11.37 -15.28
CA PRO A 392 -0.13 -9.98 -14.85
C PRO A 392 -1.05 -9.78 -13.63
N ASP A 393 -2.18 -10.51 -13.58
CA ASP A 393 -3.13 -10.42 -12.45
C ASP A 393 -2.50 -10.86 -11.14
N GLU A 394 -1.71 -11.93 -11.18
CA GLU A 394 -1.03 -12.42 -9.99
C GLU A 394 0.07 -11.48 -9.54
N ILE A 395 0.79 -10.92 -10.52
CA ILE A 395 1.85 -9.95 -10.26
C ILE A 395 1.28 -8.75 -9.48
N THR A 396 0.20 -8.16 -9.99
CA THR A 396 -0.33 -6.97 -9.35
C THR A 396 -0.99 -7.25 -8.00
N SER A 397 -1.45 -8.48 -7.81
CA SER A 397 -2.10 -8.89 -6.56
C SER A 397 -1.17 -8.82 -5.34
N VAL A 398 0.11 -9.07 -5.56
CA VAL A 398 1.08 -9.15 -4.47
C VAL A 398 1.60 -7.79 -3.97
N PHE A 399 1.10 -6.71 -4.57
CA PHE A 399 1.26 -5.39 -3.98
C PHE A 399 0.29 -5.31 -2.80
N ASP A 400 0.65 -5.93 -1.68
CA ASP A 400 -0.29 -6.17 -0.59
C ASP A 400 0.36 -6.05 0.80
N GLY A 401 -0.41 -6.39 1.84
CA GLY A 401 0.07 -6.33 3.21
C GLY A 401 1.34 -7.12 3.42
N ILE A 402 1.45 -8.28 2.77
CA ILE A 402 2.62 -9.15 2.92
C ILE A 402 3.91 -8.50 2.42
N SER A 403 3.90 -8.00 1.19
CA SER A 403 5.05 -7.32 0.63
C SER A 403 5.43 -6.07 1.42
N TYR A 404 4.44 -5.25 1.73
CA TYR A 404 4.67 -3.98 2.41
C TYR A 404 4.87 -4.14 3.93
N SER A 405 3.85 -4.63 4.62
CA SER A 405 3.86 -4.65 6.08
C SER A 405 4.71 -5.77 6.68
N LYS A 406 4.54 -7.00 6.20
CA LYS A 406 5.36 -8.11 6.68
C LYS A 406 6.82 -7.94 6.25
N GLY A 407 7.02 -7.40 5.04
CA GLY A 407 8.36 -6.99 4.60
C GLY A 407 8.97 -6.03 5.61
N SER A 408 8.26 -4.92 5.86
CA SER A 408 8.66 -3.96 6.88
C SER A 408 8.90 -4.60 8.26
N SER A 409 8.06 -5.55 8.63
CA SER A 409 8.13 -6.11 9.98
C SER A 409 9.31 -7.04 10.19
N ILE A 410 9.59 -7.90 9.20
CA ILE A 410 10.71 -8.82 9.34
C ILE A 410 12.06 -8.13 9.16
N LEU A 411 12.07 -6.94 8.55
CA LEU A 411 13.29 -6.11 8.47
C LEU A 411 13.53 -5.41 9.81
N ARG A 412 12.44 -5.04 10.47
CA ARG A 412 12.46 -4.42 11.78
C ARG A 412 13.00 -5.40 12.82
N MET A 413 12.55 -6.66 12.74
CA MET A 413 13.07 -7.74 13.57
C MET A 413 14.54 -8.02 13.23
N LEU A 414 14.85 -8.03 11.94
CA LEU A 414 16.20 -8.32 11.47
C LEU A 414 17.20 -7.27 11.96
N GLU A 415 16.84 -5.99 11.83
CA GLU A 415 17.67 -4.88 12.27
C GLU A 415 18.02 -5.03 13.75
N ASP A 416 16.99 -5.18 14.58
CA ASP A 416 17.15 -5.32 16.03
C ASP A 416 18.06 -6.48 16.39
N TRP A 417 17.89 -7.60 15.70
CA TRP A 417 18.67 -8.81 15.95
C TRP A 417 20.13 -8.65 15.54
N ILE A 418 20.34 -7.99 14.41
CA ILE A 418 21.66 -7.86 13.81
C ILE A 418 22.36 -6.58 14.28
N LYS A 419 21.61 -5.73 14.98
CA LYS A 419 22.05 -4.39 15.43
C LYS A 419 21.98 -3.37 14.30
N PRO A 420 21.45 -2.17 14.59
CA PRO A 420 21.25 -1.10 13.59
C PRO A 420 22.49 -0.81 12.76
N GLU A 421 23.64 -0.63 13.42
CA GLU A 421 24.91 -0.31 12.76
C GLU A 421 25.25 -1.30 11.65
N ASN A 422 25.08 -2.59 11.94
CA ASN A 422 25.43 -3.64 10.99
C ASN A 422 24.38 -3.82 9.89
N PHE A 423 23.13 -3.53 10.23
CA PHE A 423 22.05 -3.53 9.24
C PHE A 423 22.30 -2.40 8.24
N GLN A 424 22.71 -1.24 8.76
CA GLN A 424 23.01 -0.06 7.95
C GLN A 424 24.14 -0.34 6.96
N LYS A 425 25.31 -0.69 7.50
CA LYS A 425 26.48 -1.02 6.68
C LYS A 425 26.22 -2.17 5.70
N GLY A 426 25.36 -3.11 6.10
CA GLY A 426 24.95 -4.20 5.23
C GLY A 426 24.08 -3.77 4.06
N CYS A 427 23.15 -2.84 4.32
CA CYS A 427 22.31 -2.29 3.26
C CYS A 427 23.15 -1.53 2.24
N GLN A 428 24.16 -0.81 2.73
CA GLN A 428 25.07 -0.04 1.90
C GLN A 428 25.83 -0.92 0.91
N MET A 429 26.38 -2.03 1.41
CA MET A 429 27.14 -2.97 0.58
C MET A 429 26.29 -3.56 -0.53
N TYR A 430 25.09 -4.01 -0.17
CA TYR A 430 24.08 -4.48 -1.12
C TYR A 430 23.81 -3.44 -2.20
N LEU A 431 23.72 -2.18 -1.77
CA LEU A 431 23.39 -1.06 -2.65
C LEU A 431 24.50 -0.75 -3.65
N GLU A 432 25.75 -0.86 -3.22
CA GLU A 432 26.87 -0.65 -4.14
C GLU A 432 27.12 -1.86 -5.05
N LYS A 433 26.82 -3.05 -4.53
CA LYS A 433 27.05 -4.30 -5.27
C LYS A 433 26.17 -4.44 -6.50
N TYR A 434 24.87 -4.15 -6.33
CA TYR A 434 23.88 -4.41 -7.37
C TYR A 434 23.36 -3.14 -8.06
N GLN A 435 24.06 -2.03 -7.85
CA GLN A 435 23.68 -0.75 -8.46
C GLN A 435 23.46 -0.88 -9.96
N PHE A 436 22.32 -0.36 -10.43
CA PHE A 436 21.92 -0.39 -11.85
C PHE A 436 21.77 -1.81 -12.41
N LYS A 437 21.52 -2.75 -11.51
CA LYS A 437 21.27 -4.14 -11.86
C LYS A 437 20.13 -4.65 -11.01
N ASN A 438 19.95 -5.97 -10.99
CA ASN A 438 18.88 -6.59 -10.23
C ASN A 438 19.40 -7.60 -9.21
N ALA A 439 18.65 -7.73 -8.11
CA ALA A 439 19.03 -8.64 -7.03
C ALA A 439 17.87 -9.56 -6.67
N LYS A 440 18.23 -10.73 -6.13
CA LYS A 440 17.26 -11.66 -5.53
C LYS A 440 17.36 -11.56 -4.02
N THR A 441 16.43 -12.19 -3.32
CA THR A 441 16.43 -12.18 -1.86
C THR A 441 17.74 -12.77 -1.32
N SER A 442 18.13 -13.93 -1.83
CA SER A 442 19.43 -14.54 -1.51
C SER A 442 20.60 -13.56 -1.57
N ASP A 443 20.60 -12.68 -2.56
CA ASP A 443 21.64 -11.65 -2.71
C ASP A 443 21.68 -10.68 -1.52
N PHE A 444 20.53 -10.42 -0.92
CA PHE A 444 20.46 -9.51 0.21
C PHE A 444 20.89 -10.15 1.53
N TRP A 445 20.54 -11.42 1.71
CA TRP A 445 20.98 -12.15 2.89
C TRP A 445 22.50 -12.15 2.90
N ALA A 446 23.10 -12.59 1.80
CA ALA A 446 24.56 -12.65 1.66
C ALA A 446 25.23 -11.31 1.99
N ALA A 447 24.68 -10.21 1.49
CA ALA A 447 25.22 -8.89 1.76
C ALA A 447 25.29 -8.61 3.26
N LEU A 448 24.17 -8.83 3.96
CA LEU A 448 24.08 -8.61 5.39
C LEU A 448 24.92 -9.62 6.19
N GLU A 449 25.06 -10.82 5.64
CA GLU A 449 25.84 -11.88 6.27
C GLU A 449 27.31 -11.48 6.33
N GLU A 450 27.71 -10.58 5.43
CA GLU A 450 29.05 -9.99 5.47
C GLU A 450 29.16 -8.93 6.55
N ALA A 451 28.04 -8.30 6.90
CA ALA A 451 28.06 -7.26 7.92
C ALA A 451 27.97 -7.83 9.34
N SER A 452 27.63 -9.11 9.46
CA SER A 452 27.45 -9.75 10.76
C SER A 452 28.11 -11.11 10.95
N ARG A 453 28.34 -11.81 9.84
CA ARG A 453 28.75 -13.24 9.85
C ARG A 453 27.81 -14.11 10.68
N LEU A 454 26.69 -13.52 11.11
CA LEU A 454 25.57 -14.24 11.74
C LEU A 454 24.86 -15.05 10.65
N PRO A 455 24.15 -16.11 11.03
CA PRO A 455 23.46 -16.93 10.02
C PRO A 455 22.19 -16.29 9.43
N VAL A 456 22.37 -15.22 8.67
CA VAL A 456 21.24 -14.45 8.12
C VAL A 456 20.37 -15.28 7.18
N LYS A 457 20.98 -15.92 6.19
CA LYS A 457 20.21 -16.70 5.22
C LYS A 457 19.42 -17.80 5.91
N GLU A 458 20.10 -18.60 6.74
CA GLU A 458 19.48 -19.73 7.45
C GLU A 458 18.27 -19.30 8.29
N VAL A 459 18.41 -18.19 9.00
CA VAL A 459 17.37 -17.68 9.89
C VAL A 459 16.25 -16.97 9.14
N MET A 460 16.62 -16.11 8.20
CA MET A 460 15.64 -15.27 7.55
C MET A 460 14.84 -15.97 6.44
N ASP A 461 15.39 -17.08 5.93
CA ASP A 461 14.64 -17.92 4.98
C ASP A 461 13.33 -18.45 5.58
N THR A 462 13.36 -18.80 6.86
CA THR A 462 12.19 -19.32 7.55
C THR A 462 11.05 -18.30 7.60
N TRP A 463 11.40 -17.01 7.57
CA TRP A 463 10.41 -15.92 7.63
C TRP A 463 9.96 -15.49 6.26
N THR A 464 10.55 -16.10 5.23
CA THR A 464 10.49 -15.53 3.91
C THR A 464 10.01 -16.53 2.84
N ARG A 465 10.30 -17.81 3.04
CA ARG A 465 9.94 -18.84 2.06
C ARG A 465 8.69 -19.64 2.46
N GLN A 466 8.04 -19.23 3.54
CA GLN A 466 6.77 -19.82 3.96
C GLN A 466 5.88 -18.72 4.54
N MET A 467 4.57 -18.86 4.39
CA MET A 467 3.65 -17.91 4.99
C MET A 467 3.56 -18.11 6.51
N GLY A 468 2.86 -17.21 7.17
CA GLY A 468 2.53 -17.38 8.58
C GLY A 468 3.64 -17.02 9.54
N TYR A 469 3.38 -17.26 10.83
CA TYR A 469 4.31 -16.94 11.89
C TYR A 469 3.97 -17.77 13.13
N PRO A 470 4.90 -17.83 14.11
CA PRO A 470 4.62 -18.66 15.27
C PRO A 470 3.98 -17.93 16.46
N VAL A 471 3.32 -18.71 17.31
CA VAL A 471 3.04 -18.27 18.67
C VAL A 471 4.03 -19.00 19.57
N LEU A 472 4.60 -18.27 20.52
CA LEU A 472 5.46 -18.86 21.53
C LEU A 472 4.63 -19.27 22.74
N ASN A 473 4.56 -20.57 22.98
CA ASN A 473 3.83 -21.09 24.13
C ASN A 473 4.74 -21.21 25.35
N VAL A 474 4.37 -20.52 26.43
CA VAL A 474 5.15 -20.45 27.66
C VAL A 474 4.75 -21.55 28.64
N ASN A 475 5.73 -22.36 29.01
CA ASN A 475 5.55 -23.34 30.08
C ASN A 475 6.50 -23.02 31.22
N GLY A 476 5.95 -22.87 32.42
CA GLY A 476 6.74 -22.65 33.64
C GLY A 476 7.53 -21.37 33.65
N VAL A 477 6.93 -20.30 33.13
CA VAL A 477 7.54 -18.95 33.10
C VAL A 477 8.72 -18.85 32.12
N LYS A 478 9.46 -19.95 31.96
CA LYS A 478 10.80 -19.91 31.38
C LYS A 478 10.99 -20.75 30.11
N ASN A 479 10.29 -21.89 30.01
CA ASN A 479 10.35 -22.73 28.81
C ASN A 479 9.42 -22.20 27.75
N ILE A 480 9.93 -22.05 26.54
CA ILE A 480 9.09 -21.69 25.42
C ILE A 480 9.11 -22.76 24.35
N THR A 481 8.00 -22.92 23.68
CA THR A 481 7.95 -23.75 22.50
C THR A 481 7.21 -23.00 21.39
N GLN A 482 7.50 -23.34 20.15
CA GLN A 482 6.88 -22.65 19.02
C GLN A 482 5.81 -23.50 18.35
N LYS A 483 4.79 -22.82 17.82
CA LYS A 483 3.73 -23.47 17.05
C LYS A 483 3.15 -22.45 16.08
N ARG A 484 2.78 -22.90 14.88
CA ARG A 484 2.21 -21.98 13.89
C ARG A 484 0.95 -21.36 14.45
N PHE A 485 0.79 -20.05 14.29
CA PHE A 485 -0.41 -19.36 14.75
C PHE A 485 -1.39 -19.14 13.62
N LEU A 486 -2.55 -19.78 13.73
CA LEU A 486 -3.64 -19.63 12.77
C LEU A 486 -4.89 -19.21 13.52
N LEU A 487 -5.61 -18.26 12.94
CA LEU A 487 -6.85 -17.74 13.53
C LEU A 487 -7.94 -18.81 13.55
N ASP A 488 -7.98 -19.64 12.52
CA ASP A 488 -8.91 -20.76 12.41
C ASP A 488 -8.35 -22.02 13.09
N PRO A 489 -8.93 -22.44 14.24
CA PRO A 489 -8.38 -23.62 14.91
C PRO A 489 -8.69 -24.94 14.19
N ARG A 490 -9.67 -24.92 13.28
CA ARG A 490 -9.98 -26.13 12.48
C ARG A 490 -8.98 -26.33 11.34
N ALA A 491 -8.32 -25.25 10.91
CA ALA A 491 -7.42 -25.31 9.74
C ALA A 491 -6.22 -26.23 9.97
N ASN A 492 -5.83 -26.92 8.91
CA ASN A 492 -4.69 -27.83 8.93
C ASN A 492 -3.38 -27.03 8.93
N PRO A 493 -2.62 -27.13 10.03
CA PRO A 493 -1.44 -26.26 10.23
C PRO A 493 -0.26 -26.60 9.32
N SER A 494 -0.29 -27.75 8.68
CA SER A 494 0.79 -28.15 7.76
C SER A 494 0.56 -27.68 6.31
N GLN A 495 -0.56 -27.01 6.06
CA GLN A 495 -0.95 -26.60 4.69
C GLN A 495 -0.90 -25.09 4.47
N PRO A 496 -0.59 -24.65 3.22
CA PRO A 496 -0.11 -25.47 2.11
C PRO A 496 1.30 -25.99 2.37
N PRO A 497 1.68 -27.12 1.75
CA PRO A 497 2.98 -27.75 2.03
C PRO A 497 4.15 -26.77 2.03
N SER A 498 4.94 -26.82 3.10
CA SER A 498 6.16 -26.03 3.21
C SER A 498 7.35 -26.93 3.51
N ASP A 499 8.42 -26.76 2.74
CA ASP A 499 9.66 -27.51 2.95
C ASP A 499 10.20 -27.32 4.36
N LEU A 500 10.00 -26.11 4.89
CA LEU A 500 10.43 -25.77 6.24
C LEU A 500 9.43 -26.22 7.31
N GLY A 501 8.28 -26.74 6.87
CA GLY A 501 7.30 -27.36 7.78
C GLY A 501 6.66 -26.47 8.82
N TYR A 502 6.62 -25.16 8.57
CA TYR A 502 6.06 -24.17 9.51
C TYR A 502 6.70 -24.20 10.91
N THR A 503 8.03 -24.31 10.93
CA THR A 503 8.84 -23.98 12.10
C THR A 503 9.81 -22.88 11.68
N TRP A 504 10.20 -22.04 12.65
CA TRP A 504 10.98 -20.84 12.38
C TRP A 504 12.25 -20.75 13.22
N ASN A 505 13.26 -20.11 12.65
CA ASN A 505 14.39 -19.66 13.47
C ASN A 505 14.04 -18.29 14.03
N ILE A 506 13.74 -18.25 15.33
CA ILE A 506 13.20 -17.05 15.94
C ILE A 506 14.24 -16.33 16.77
N PRO A 507 14.64 -15.13 16.36
CA PRO A 507 15.47 -14.32 17.24
C PRO A 507 14.59 -13.87 18.37
N VAL A 508 14.91 -14.32 19.57
CA VAL A 508 14.04 -14.08 20.73
C VAL A 508 14.73 -13.12 21.69
N LYS A 509 13.99 -12.10 22.11
CA LYS A 509 14.47 -11.15 23.10
C LYS A 509 13.49 -11.08 24.25
N TRP A 510 14.02 -10.91 25.46
CA TRP A 510 13.20 -10.77 26.65
C TRP A 510 13.84 -9.85 27.70
N THR A 511 12.98 -9.27 28.55
CA THR A 511 13.41 -8.38 29.61
C THR A 511 13.22 -9.06 30.96
N GLU A 512 14.33 -9.30 31.65
CA GLU A 512 14.34 -9.72 33.04
C GLU A 512 14.65 -8.48 33.88
N ASP A 513 13.65 -7.98 34.59
CA ASP A 513 13.81 -6.88 35.55
C ASP A 513 14.61 -5.68 35.01
N ASN A 514 14.20 -5.15 33.87
CA ASN A 514 14.90 -4.03 33.21
C ASN A 514 16.27 -4.38 32.60
N ILE A 515 16.58 -5.67 32.49
CA ILE A 515 17.78 -6.11 31.76
C ILE A 515 17.37 -7.06 30.63
N THR A 516 17.86 -6.78 29.42
CA THR A 516 17.43 -7.48 28.21
C THR A 516 18.44 -8.52 27.72
N SER A 517 17.93 -9.69 27.32
CA SER A 517 18.77 -10.76 26.79
C SER A 517 18.28 -11.27 25.41
N SER A 518 19.11 -12.07 24.74
CA SER A 518 18.85 -12.50 23.37
C SER A 518 19.24 -13.96 23.13
N VAL A 519 18.42 -14.67 22.35
CA VAL A 519 18.71 -16.05 21.93
C VAL A 519 18.12 -16.28 20.55
N LEU A 520 18.84 -16.99 19.69
CA LEU A 520 18.26 -17.52 18.47
C LEU A 520 17.62 -18.88 18.77
N PHE A 521 16.29 -18.92 18.72
CA PHE A 521 15.53 -20.14 18.94
C PHE A 521 15.58 -20.94 17.65
N ASN A 522 16.27 -22.07 17.68
CA ASN A 522 16.54 -22.88 16.49
C ASN A 522 15.40 -23.84 16.11
N ARG A 523 15.05 -23.85 14.82
CA ARG A 523 14.09 -24.82 14.24
C ARG A 523 14.29 -26.24 14.74
N SER A 524 15.54 -26.68 14.74
CA SER A 524 15.90 -28.06 15.07
C SER A 524 15.74 -28.42 16.55
N GLU A 525 15.49 -27.42 17.40
CA GLU A 525 15.15 -27.66 18.80
C GLU A 525 13.66 -28.00 18.89
N LYS A 526 13.32 -29.19 18.40
CA LYS A 526 11.92 -29.64 18.23
C LYS A 526 11.10 -29.58 19.52
N GLU A 527 11.76 -29.69 20.66
CA GLU A 527 11.05 -29.72 21.92
C GLU A 527 11.20 -28.42 22.69
N GLY A 528 11.48 -27.34 21.96
CA GLY A 528 11.58 -26.00 22.54
C GLY A 528 12.90 -25.73 23.25
N ILE A 529 13.07 -24.49 23.71
CA ILE A 529 14.28 -24.08 24.43
C ILE A 529 13.93 -23.47 25.79
N THR A 530 14.95 -23.23 26.60
CA THR A 530 14.77 -22.66 27.93
C THR A 530 15.52 -21.32 27.99
N LEU A 531 14.82 -20.29 28.45
CA LEU A 531 15.37 -18.92 28.47
C LEU A 531 16.28 -18.66 29.68
N ASN A 532 17.56 -18.44 29.41
CA ASN A 532 18.56 -18.27 30.47
C ASN A 532 18.42 -16.97 31.27
N SER A 537 18.47 -13.53 37.39
CA SER A 537 18.13 -14.84 37.96
C SER A 537 16.99 -14.74 38.99
N GLY A 538 16.56 -15.89 39.51
CA GLY A 538 15.47 -15.98 40.50
C GLY A 538 14.23 -15.22 40.09
N ASN A 539 13.52 -15.73 39.09
CA ASN A 539 12.50 -14.96 38.38
C ASN A 539 11.04 -15.29 38.65
N ALA A 540 10.27 -14.22 38.85
CA ALA A 540 8.83 -14.28 39.06
C ALA A 540 8.04 -13.80 37.82
N PHE A 541 8.72 -13.12 36.90
CA PHE A 541 8.08 -12.62 35.66
C PHE A 541 9.04 -12.26 34.51
N LEU A 542 8.83 -12.93 33.38
CA LEU A 542 9.62 -12.71 32.17
C LEU A 542 8.81 -11.95 31.12
N LYS A 543 9.35 -10.83 30.63
CA LYS A 543 8.73 -10.05 29.55
C LYS A 543 9.29 -10.45 28.18
N ILE A 544 8.59 -11.36 27.50
CA ILE A 544 9.07 -11.90 26.23
C ILE A 544 8.60 -11.05 25.06
N ASN A 545 9.52 -10.76 24.13
CA ASN A 545 9.26 -9.94 22.95
C ASN A 545 8.94 -8.48 23.27
N PRO A 546 9.92 -7.74 23.84
CA PRO A 546 9.70 -6.33 24.20
C PRO A 546 9.47 -5.48 22.97
N ASP A 547 8.57 -4.50 23.09
CA ASP A 547 8.14 -3.63 21.98
C ASP A 547 7.60 -4.40 20.76
N HIS A 548 7.25 -5.67 20.97
CA HIS A 548 6.79 -6.58 19.90
C HIS A 548 7.76 -6.52 18.72
N ILE A 549 9.06 -6.61 19.03
CA ILE A 549 10.10 -6.42 18.03
C ILE A 549 10.23 -7.61 17.08
N GLY A 550 9.93 -8.79 17.58
CA GLY A 550 9.91 -10.00 16.76
C GLY A 550 8.53 -10.28 16.20
N PHE A 551 8.51 -10.91 15.02
CA PHE A 551 7.26 -11.11 14.29
C PHE A 551 6.58 -12.40 14.75
N TYR A 552 6.17 -12.41 16.01
CA TYR A 552 5.52 -13.58 16.60
C TYR A 552 4.65 -13.16 17.78
N ARG A 553 3.84 -14.09 18.29
CA ARG A 553 3.02 -13.82 19.46
C ARG A 553 3.48 -14.67 20.63
N VAL A 554 3.26 -14.17 21.85
CA VAL A 554 3.63 -14.89 23.04
C VAL A 554 2.39 -15.23 23.86
N ASN A 555 2.17 -16.52 24.06
CA ASN A 555 1.09 -17.00 24.90
C ASN A 555 1.63 -17.42 26.26
N TYR A 556 1.52 -16.52 27.24
CA TYR A 556 1.95 -16.83 28.60
C TYR A 556 0.99 -17.83 29.23
N GLU A 557 1.43 -18.45 30.33
CA GLU A 557 0.52 -19.27 31.12
C GLU A 557 -0.64 -18.38 31.58
N VAL A 558 -1.82 -18.99 31.75
CA VAL A 558 -3.00 -18.25 32.18
C VAL A 558 -2.73 -17.51 33.50
N ALA A 559 -2.01 -18.15 34.43
CA ALA A 559 -1.64 -17.50 35.71
C ALA A 559 -0.92 -16.18 35.47
N THR A 560 0.10 -16.21 34.61
CA THR A 560 0.85 -15.02 34.23
C THR A 560 -0.06 -13.94 33.61
N TRP A 561 -0.92 -14.35 32.67
CA TRP A 561 -1.89 -13.43 32.06
C TRP A 561 -2.76 -12.73 33.11
N ASP A 562 -3.23 -13.52 34.09
CA ASP A 562 -4.02 -13.03 35.21
C ASP A 562 -3.24 -12.00 36.03
N SER A 563 -1.97 -12.31 36.27
CA SER A 563 -1.06 -11.43 37.01
C SER A 563 -0.77 -10.12 36.24
N ILE A 564 -0.74 -10.20 34.91
CA ILE A 564 -0.55 -9.03 34.07
C ILE A 564 -1.75 -8.09 34.21
N ALA A 565 -2.96 -8.63 34.05
CA ALA A 565 -4.21 -7.87 34.26
C ALA A 565 -4.19 -7.08 35.56
N THR A 566 -3.87 -7.76 36.66
CA THR A 566 -3.77 -7.13 37.97
C THR A 566 -2.67 -6.07 38.03
N ALA A 567 -1.50 -6.38 37.48
CA ALA A 567 -0.38 -5.43 37.42
C ALA A 567 -0.77 -4.14 36.69
N LEU A 568 -1.54 -4.29 35.60
CA LEU A 568 -2.03 -3.15 34.84
C LEU A 568 -3.02 -2.32 35.66
N SER A 569 -3.89 -2.99 36.40
CA SER A 569 -4.90 -2.31 37.21
C SER A 569 -4.23 -1.50 38.31
N LEU A 570 -3.16 -2.05 38.86
CA LEU A 570 -2.42 -1.43 39.97
C LEU A 570 -1.48 -0.30 39.52
N ASN A 571 -0.74 -0.53 38.44
CA ASN A 571 0.18 0.45 37.88
C ASN A 571 0.59 0.06 36.47
N HIS A 572 -0.21 0.48 35.49
CA HIS A 572 -0.01 0.09 34.10
C HIS A 572 1.31 0.57 33.53
N LYS A 573 1.86 1.61 34.16
CA LYS A 573 3.13 2.20 33.76
C LYS A 573 4.34 1.31 34.00
N THR A 574 4.15 0.19 34.70
CA THR A 574 5.22 -0.79 34.89
C THR A 574 5.64 -1.40 33.55
N PHE A 575 4.76 -1.27 32.56
CA PHE A 575 4.99 -1.70 31.20
C PHE A 575 5.09 -0.48 30.31
N SER A 576 5.96 -0.51 29.30
CA SER A 576 6.01 0.56 28.29
C SER A 576 4.74 0.57 27.45
N SER A 577 4.45 1.71 26.82
CA SER A 577 3.26 1.88 26.00
C SER A 577 3.17 0.84 24.90
N ALA A 578 4.32 0.54 24.30
CA ALA A 578 4.40 -0.46 23.25
C ALA A 578 4.12 -1.86 23.81
N ASP A 579 4.74 -2.18 24.94
CA ASP A 579 4.53 -3.47 25.62
C ASP A 579 3.06 -3.69 25.96
N ARG A 580 2.39 -2.65 26.44
CA ARG A 580 0.95 -2.71 26.72
C ARG A 580 0.12 -3.00 25.45
N ALA A 581 0.41 -2.26 24.38
CA ALA A 581 -0.24 -2.46 23.10
C ALA A 581 -0.07 -3.92 22.67
N SER A 582 1.16 -4.41 22.80
CA SER A 582 1.55 -5.74 22.36
C SER A 582 0.88 -6.86 23.14
N LEU A 583 0.85 -6.74 24.47
CA LEU A 583 0.20 -7.72 25.34
C LEU A 583 -1.30 -7.77 25.07
N ILE A 584 -1.90 -6.59 24.91
CA ILE A 584 -3.33 -6.48 24.60
C ILE A 584 -3.62 -7.07 23.22
N ASP A 585 -2.76 -6.77 22.26
CA ASP A 585 -2.95 -7.27 20.91
C ASP A 585 -2.86 -8.80 20.84
N ASP A 586 -1.82 -9.35 21.45
CA ASP A 586 -1.64 -10.80 21.46
C ASP A 586 -2.79 -11.53 22.13
N ALA A 587 -3.17 -11.05 23.32
CA ALA A 587 -4.25 -11.64 24.11
C ALA A 587 -5.55 -11.78 23.32
N PHE A 588 -5.98 -10.69 22.68
CA PHE A 588 -7.21 -10.70 21.89
C PHE A 588 -7.10 -11.52 20.60
N ALA A 589 -5.91 -11.56 20.00
CA ALA A 589 -5.69 -12.43 18.85
C ALA A 589 -5.67 -13.90 19.26
N LEU A 590 -5.09 -14.17 20.42
CA LEU A 590 -5.08 -15.51 21.00
C LEU A 590 -6.49 -15.97 21.35
N ALA A 591 -7.30 -15.08 21.92
CA ALA A 591 -8.69 -15.39 22.23
C ALA A 591 -9.47 -15.65 20.95
N ARG A 592 -9.23 -14.83 19.93
CA ARG A 592 -9.85 -15.00 18.63
C ARG A 592 -9.54 -16.37 18.03
N ALA A 593 -8.31 -16.84 18.27
CA ALA A 593 -7.81 -18.10 17.72
C ALA A 593 -8.17 -19.35 18.54
N GLN A 594 -8.95 -19.13 19.60
CA GLN A 594 -9.26 -20.18 20.61
C GLN A 594 -8.01 -20.76 21.26
N LEU A 595 -7.07 -19.89 21.60
CA LEU A 595 -5.83 -20.30 22.24
C LEU A 595 -5.74 -19.74 23.65
N LEU A 596 -6.73 -18.93 24.01
CA LEU A 596 -6.76 -18.26 25.30
C LEU A 596 -8.20 -17.85 25.58
N ASP A 597 -8.65 -18.13 26.79
CA ASP A 597 -10.01 -17.81 27.17
C ASP A 597 -10.28 -16.32 27.10
N TYR A 598 -11.41 -15.96 26.47
CA TYR A 598 -11.81 -14.54 26.34
C TYR A 598 -11.85 -13.76 27.65
N LYS A 599 -12.26 -14.41 28.74
CA LYS A 599 -12.30 -13.78 30.06
C LYS A 599 -10.91 -13.25 30.41
N VAL A 600 -9.89 -14.04 30.09
CA VAL A 600 -8.49 -13.67 30.33
C VAL A 600 -8.10 -12.45 29.48
N ALA A 601 -8.47 -12.45 28.20
CA ALA A 601 -8.28 -11.28 27.33
C ALA A 601 -9.01 -10.05 27.87
N LEU A 602 -10.31 -10.19 28.16
CA LEU A 602 -11.13 -9.05 28.56
C LEU A 602 -10.64 -8.44 29.87
N ASN A 603 -10.12 -9.29 30.76
CA ASN A 603 -9.55 -8.83 32.04
C ASN A 603 -8.46 -7.79 31.84
N LEU A 604 -7.74 -7.88 30.71
CA LEU A 604 -6.70 -6.90 30.42
C LEU A 604 -7.23 -5.50 30.12
N THR A 605 -8.53 -5.37 29.89
CA THR A 605 -9.11 -4.05 29.53
C THR A 605 -9.60 -3.26 30.75
N LYS A 606 -9.60 -3.92 31.90
CA LYS A 606 -10.17 -3.36 33.13
C LYS A 606 -9.49 -2.08 33.62
N TYR A 607 -8.19 -1.96 33.38
CA TYR A 607 -7.41 -0.81 33.87
C TYR A 607 -7.65 0.46 33.07
N LEU A 608 -8.26 0.33 31.89
CA LEU A 608 -8.22 1.36 30.83
C LEU A 608 -8.62 2.79 31.20
N LYS A 609 -9.45 2.98 32.23
CA LYS A 609 -9.83 4.34 32.67
C LYS A 609 -8.61 5.22 32.94
N ARG A 610 -7.47 4.57 33.16
CA ARG A 610 -6.20 5.24 33.45
C ARG A 610 -5.19 5.18 32.30
N GLU A 611 -5.55 4.50 31.21
CA GLU A 611 -4.71 4.46 30.02
C GLU A 611 -4.72 5.82 29.33
N GLU A 612 -3.53 6.36 29.05
CA GLU A 612 -3.40 7.70 28.45
C GLU A 612 -2.57 7.72 27.16
N ASN A 613 -2.05 6.57 26.76
CA ASN A 613 -1.08 6.52 25.67
C ASN A 613 -1.69 6.01 24.37
N PHE A 614 -1.13 6.49 23.26
CA PHE A 614 -1.66 6.27 21.93
C PHE A 614 -1.65 4.81 21.50
N LEU A 615 -0.49 4.17 21.61
CA LEU A 615 -0.32 2.81 21.14
C LEU A 615 -1.31 1.81 21.74
N PRO A 616 -1.41 1.75 23.08
CA PRO A 616 -2.39 0.81 23.62
C PRO A 616 -3.84 1.13 23.24
N TRP A 617 -4.24 2.40 23.24
CA TRP A 617 -5.61 2.74 22.89
C TRP A 617 -5.94 2.29 21.47
N GLN A 618 -4.98 2.46 20.57
CA GLN A 618 -5.17 2.09 19.18
C GLN A 618 -5.42 0.61 19.02
N ARG A 619 -4.62 -0.22 19.70
CA ARG A 619 -4.79 -1.68 19.59
C ARG A 619 -5.99 -2.23 20.37
N VAL A 620 -6.40 -1.52 21.43
CA VAL A 620 -7.67 -1.79 22.12
C VAL A 620 -8.85 -1.48 21.19
N ILE A 621 -8.83 -0.30 20.60
CA ILE A 621 -9.89 0.10 19.66
C ILE A 621 -10.00 -0.90 18.51
N SER A 622 -8.87 -1.36 18.00
CA SER A 622 -8.87 -2.38 16.97
C SER A 622 -9.55 -3.67 17.44
N ALA A 623 -9.19 -4.15 18.63
CA ALA A 623 -9.74 -5.40 19.17
C ALA A 623 -11.25 -5.31 19.44
N VAL A 624 -11.70 -4.18 19.97
CA VAL A 624 -13.10 -3.97 20.30
C VAL A 624 -13.96 -3.77 19.06
N THR A 625 -13.41 -3.08 18.08
CA THR A 625 -14.09 -2.85 16.83
C THR A 625 -14.52 -4.18 16.23
N TYR A 626 -13.62 -5.16 16.17
CA TYR A 626 -14.01 -6.48 15.67
C TYR A 626 -15.14 -7.10 16.50
N ILE A 627 -14.93 -7.18 17.82
CA ILE A 627 -15.88 -7.84 18.72
C ILE A 627 -17.27 -7.18 18.66
N ILE A 628 -17.30 -5.85 18.71
CA ILE A 628 -18.53 -5.06 18.62
C ILE A 628 -19.24 -5.29 17.27
N SER A 629 -18.46 -5.41 16.20
CA SER A 629 -19.07 -5.59 14.89
C SER A 629 -19.69 -6.99 14.77
N MET A 630 -19.12 -7.97 15.46
CA MET A 630 -19.69 -9.31 15.44
C MET A 630 -21.03 -9.37 16.18
N PHE A 631 -21.25 -8.44 17.10
CA PHE A 631 -22.47 -8.44 17.91
C PHE A 631 -23.46 -7.31 17.56
N GLU A 632 -23.20 -6.63 16.44
CA GLU A 632 -24.03 -5.50 15.99
C GLU A 632 -25.52 -5.71 16.12
N ASP A 633 -26.01 -6.88 15.75
CA ASP A 633 -27.45 -7.15 15.77
C ASP A 633 -27.88 -8.03 16.94
N ASP A 634 -26.99 -8.16 17.93
CA ASP A 634 -27.31 -8.90 19.14
C ASP A 634 -27.72 -7.88 20.20
N LYS A 635 -29.04 -7.70 20.34
CA LYS A 635 -29.57 -6.68 21.23
C LYS A 635 -29.33 -7.02 22.69
N GLU A 636 -28.86 -8.24 22.93
CA GLU A 636 -28.51 -8.66 24.27
C GLU A 636 -27.07 -8.24 24.59
N LEU A 637 -26.14 -8.63 23.73
CA LEU A 637 -24.73 -8.37 24.00
C LEU A 637 -24.30 -6.94 23.72
N TYR A 638 -24.83 -6.36 22.64
CA TYR A 638 -24.33 -5.09 22.15
C TYR A 638 -24.37 -3.94 23.16
N PRO A 639 -25.54 -3.69 23.81
CA PRO A 639 -25.60 -2.56 24.75
C PRO A 639 -24.60 -2.69 25.89
N MET A 640 -24.36 -3.93 26.33
CA MET A 640 -23.41 -4.23 27.39
C MET A 640 -21.96 -3.95 26.98
N ILE A 641 -21.60 -4.34 25.76
CA ILE A 641 -20.25 -4.08 25.26
C ILE A 641 -20.06 -2.57 25.10
N GLU A 642 -21.12 -1.91 24.63
CA GLU A 642 -21.15 -0.47 24.45
C GLU A 642 -21.01 0.26 25.79
N GLU A 643 -21.87 -0.09 26.76
CA GLU A 643 -21.88 0.58 28.08
C GLU A 643 -20.49 0.50 28.71
N TYR A 644 -19.93 -0.70 28.77
CA TYR A 644 -18.61 -0.92 29.34
C TYR A 644 -17.54 -0.09 28.64
N PHE A 645 -17.36 -0.29 27.33
CA PHE A 645 -16.27 0.41 26.63
C PHE A 645 -16.43 1.91 26.54
N GLN A 646 -17.67 2.38 26.56
CA GLN A 646 -17.94 3.81 26.69
C GLN A 646 -17.36 4.29 28.02
N GLY A 647 -17.64 3.54 29.09
CA GLY A 647 -17.11 3.85 30.40
C GLY A 647 -15.59 3.87 30.47
N GLN A 648 -14.94 2.96 29.75
CA GLN A 648 -13.48 2.86 29.78
C GLN A 648 -12.74 4.03 29.10
N VAL A 649 -13.25 4.51 27.94
CA VAL A 649 -12.68 5.69 27.23
C VAL A 649 -13.11 7.03 27.74
N LYS A 650 -14.25 7.08 28.44
CA LYS A 650 -14.81 8.38 28.85
C LYS A 650 -13.79 9.31 29.56
N PRO A 651 -12.98 8.76 30.52
CA PRO A 651 -12.03 9.69 31.16
C PRO A 651 -11.01 10.33 30.22
N ILE A 652 -10.37 9.53 29.35
CA ILE A 652 -9.38 10.06 28.40
C ILE A 652 -10.03 10.98 27.34
N ALA A 653 -11.21 10.58 26.84
CA ALA A 653 -11.97 11.41 25.92
C ALA A 653 -12.29 12.76 26.53
N ASP A 654 -12.81 12.73 27.75
CA ASP A 654 -13.12 13.95 28.47
C ASP A 654 -11.88 14.79 28.72
N SER A 655 -10.81 14.15 29.18
CA SER A 655 -9.55 14.84 29.50
C SER A 655 -8.91 15.59 28.32
N LEU A 656 -8.94 15.00 27.14
CA LEU A 656 -8.33 15.62 25.97
C LEU A 656 -9.23 16.70 25.36
N GLY A 657 -10.55 16.51 25.44
CA GLY A 657 -11.53 17.51 25.01
C GLY A 657 -11.69 17.67 23.51
N TRP A 658 -12.68 18.47 23.12
CA TRP A 658 -12.93 18.74 21.71
C TRP A 658 -12.22 20.00 21.26
N ASN A 659 -10.89 19.93 21.19
CA ASN A 659 -10.04 21.07 20.83
C ASN A 659 -8.61 20.66 20.50
N ASP A 660 -8.08 21.22 19.43
CA ASP A 660 -6.73 20.89 18.96
C ASP A 660 -5.62 21.51 19.81
N ALA A 661 -5.20 20.78 20.84
CA ALA A 661 -4.08 21.19 21.68
C ALA A 661 -3.15 20.03 21.96
N GLY A 662 -1.86 20.31 22.15
CA GLY A 662 -0.90 19.26 22.46
C GLY A 662 -0.04 18.92 21.26
N ASP A 663 0.87 17.96 21.42
CA ASP A 663 1.77 17.58 20.32
C ASP A 663 1.11 16.63 19.32
N HIS A 664 1.90 16.16 18.36
CA HIS A 664 1.41 15.31 17.29
C HIS A 664 0.62 14.11 17.81
N VAL A 665 1.29 13.30 18.64
CA VAL A 665 0.75 12.04 19.10
C VAL A 665 -0.51 12.23 19.94
N THR A 666 -0.51 13.28 20.76
CA THR A 666 -1.68 13.64 21.55
C THR A 666 -2.85 13.92 20.66
N LYS A 667 -2.60 14.65 19.58
CA LYS A 667 -3.67 15.03 18.67
C LYS A 667 -4.22 13.82 17.94
N LEU A 668 -3.34 12.89 17.59
CA LEU A 668 -3.77 11.62 17.01
C LEU A 668 -4.60 10.82 18.00
N LEU A 669 -4.12 10.75 19.25
CA LEU A 669 -4.85 10.08 20.32
C LEU A 669 -6.26 10.62 20.46
N ARG A 670 -6.39 11.95 20.56
CA ARG A 670 -7.69 12.61 20.71
C ARG A 670 -8.67 12.23 19.60
N SER A 671 -8.22 12.29 18.35
CA SER A 671 -9.04 11.84 17.23
C SER A 671 -9.59 10.45 17.49
N SER A 672 -8.73 9.47 17.74
CA SER A 672 -9.23 8.09 17.81
C SER A 672 -10.02 7.84 19.07
N VAL A 673 -9.67 8.55 20.13
CA VAL A 673 -10.35 8.35 21.40
C VAL A 673 -11.76 8.99 21.41
N LEU A 674 -11.87 10.20 20.87
CA LEU A 674 -13.17 10.84 20.66
C LEU A 674 -14.02 10.09 19.63
N GLY A 675 -13.35 9.53 18.62
CA GLY A 675 -14.04 8.73 17.58
C GLY A 675 -14.66 7.49 18.18
N PHE A 676 -13.90 6.84 19.06
CA PHE A 676 -14.33 5.61 19.72
C PHE A 676 -15.47 5.90 20.72
N ALA A 677 -15.37 7.02 21.43
CA ALA A 677 -16.46 7.48 22.32
C ALA A 677 -17.75 7.66 21.54
N CYS A 678 -17.67 8.34 20.39
CA CYS A 678 -18.81 8.49 19.51
C CYS A 678 -19.32 7.12 19.08
N LYS A 679 -18.39 6.26 18.69
CA LYS A 679 -18.77 4.95 18.15
C LYS A 679 -19.47 4.15 19.24
N MET A 680 -19.03 4.32 20.48
CA MET A 680 -19.64 3.61 21.60
C MET A 680 -20.92 4.28 22.13
N GLY A 681 -21.34 5.36 21.48
CA GLY A 681 -22.64 5.97 21.80
C GLY A 681 -22.70 6.89 23.02
N ASP A 682 -21.54 7.34 23.49
CA ASP A 682 -21.40 8.47 24.38
C ASP A 682 -22.21 9.67 23.90
N ARG A 683 -23.28 9.97 24.65
CA ARG A 683 -24.21 11.07 24.35
C ARG A 683 -23.52 12.43 24.29
N GLU A 684 -22.58 12.67 25.20
CA GLU A 684 -21.89 13.96 25.25
C GLU A 684 -20.91 14.15 24.08
N ALA A 685 -20.24 13.06 23.69
CA ALA A 685 -19.35 13.08 22.53
C ALA A 685 -20.14 13.27 21.23
N LEU A 686 -21.28 12.60 21.12
CA LEU A 686 -22.15 12.75 19.95
C LEU A 686 -22.75 14.15 19.90
N ASN A 687 -23.04 14.71 21.08
CA ASN A 687 -23.54 16.08 21.15
C ASN A 687 -22.52 17.14 20.72
N ASN A 688 -21.25 16.92 21.07
CA ASN A 688 -20.17 17.77 20.59
C ASN A 688 -20.08 17.72 19.06
N ALA A 689 -20.15 16.51 18.50
CA ALA A 689 -20.14 16.31 17.05
C ALA A 689 -21.29 17.04 16.37
N SER A 690 -22.50 16.86 16.87
CA SER A 690 -23.68 17.50 16.28
C SER A 690 -23.67 19.03 16.37
N SER A 691 -23.24 19.54 17.54
CA SER A 691 -23.10 20.97 17.75
C SER A 691 -22.10 21.62 16.78
N LEU A 692 -20.90 21.04 16.68
CA LEU A 692 -19.88 21.55 15.76
C LEU A 692 -20.37 21.45 14.30
N PHE A 693 -21.00 20.32 13.96
CA PHE A 693 -21.53 20.12 12.61
C PHE A 693 -22.56 21.21 12.26
N GLU A 694 -23.52 21.43 13.17
CA GLU A 694 -24.49 22.51 13.05
C GLU A 694 -23.81 23.87 12.84
N GLN A 695 -22.73 24.14 13.58
CA GLN A 695 -21.95 25.36 13.37
C GLN A 695 -21.29 25.42 11.99
N TRP A 696 -20.72 24.30 11.55
CA TRP A 696 -20.06 24.24 10.24
C TRP A 696 -21.04 24.51 9.11
N LEU A 697 -22.25 23.99 9.24
CA LEU A 697 -23.33 24.25 8.29
C LEU A 697 -23.67 25.72 8.17
N ASN A 698 -23.37 26.51 9.20
CA ASN A 698 -23.54 27.96 9.12
C ASN A 698 -22.52 28.65 8.22
N GLY A 699 -21.58 27.87 7.68
CA GLY A 699 -20.77 28.27 6.51
C GLY A 699 -19.58 29.17 6.73
N THR A 700 -19.29 29.48 8.00
CA THR A 700 -18.21 30.38 8.36
C THR A 700 -17.16 29.63 9.16
N VAL A 701 -17.59 29.02 10.25
CA VAL A 701 -16.71 28.40 11.23
C VAL A 701 -15.84 27.33 10.57
N SER A 702 -14.53 27.49 10.70
CA SER A 702 -13.59 26.49 10.25
C SER A 702 -13.29 25.52 11.40
N LEU A 703 -13.77 24.28 11.29
CA LEU A 703 -13.59 23.27 12.36
C LEU A 703 -12.12 22.98 12.67
N PRO A 704 -11.80 22.72 13.97
CA PRO A 704 -10.46 22.27 14.32
C PRO A 704 -10.08 21.06 13.47
N VAL A 705 -8.89 21.11 12.88
CA VAL A 705 -8.53 20.18 11.81
C VAL A 705 -8.57 18.71 12.22
N ASN A 706 -8.21 18.43 13.47
CA ASN A 706 -8.19 17.04 13.92
C ASN A 706 -9.55 16.53 14.40
N LEU A 707 -10.55 17.40 14.36
CA LEU A 707 -11.92 17.02 14.76
C LEU A 707 -12.88 16.91 13.57
N ARG A 708 -12.52 17.55 12.46
CA ARG A 708 -13.33 17.61 11.24
C ARG A 708 -13.95 16.29 10.82
N LEU A 709 -13.11 15.28 10.63
CA LEU A 709 -13.63 14.00 10.12
C LEU A 709 -14.72 13.47 11.04
N LEU A 710 -14.46 13.54 12.36
CA LEU A 710 -15.39 13.03 13.34
C LEU A 710 -16.68 13.80 13.29
N VAL A 711 -16.58 15.12 13.18
CA VAL A 711 -17.75 16.00 13.10
C VAL A 711 -18.55 15.73 11.82
N TYR A 712 -17.87 15.56 10.67
CA TYR A 712 -18.62 15.28 9.41
C TYR A 712 -19.34 13.95 9.52
N ARG A 713 -18.63 12.94 10.02
CA ARG A 713 -19.20 11.60 10.18
C ARG A 713 -20.38 11.53 11.17
N TYR A 714 -20.11 11.86 12.44
CA TYR A 714 -21.11 11.68 13.50
C TYR A 714 -22.13 12.79 13.47
N GLY A 715 -21.71 13.97 13.04
CA GLY A 715 -22.63 15.06 12.75
C GLY A 715 -23.65 14.68 11.69
N MET A 716 -23.16 14.17 10.54
CA MET A 716 -24.08 13.74 9.50
C MET A 716 -24.92 12.57 10.00
N GLN A 717 -24.28 11.62 10.67
CA GLN A 717 -25.00 10.42 11.11
C GLN A 717 -26.16 10.77 12.08
N ASN A 718 -25.92 11.68 13.02
CA ASN A 718 -26.91 11.97 14.06
C ASN A 718 -27.89 13.09 13.80
N SER A 719 -27.57 14.01 12.88
CA SER A 719 -28.49 15.13 12.60
C SER A 719 -28.53 15.52 11.12
N GLY A 720 -27.92 14.70 10.25
CA GLY A 720 -27.93 14.97 8.82
C GLY A 720 -29.30 14.75 8.22
N ASN A 721 -29.59 15.47 7.16
CA ASN A 721 -30.85 15.33 6.41
C ASN A 721 -30.54 15.81 4.99
N GLU A 722 -31.54 15.89 4.13
CA GLU A 722 -31.32 16.23 2.73
C GLU A 722 -30.65 17.59 2.56
N ILE A 723 -31.11 18.58 3.31
CA ILE A 723 -30.57 19.94 3.22
C ILE A 723 -29.06 19.95 3.55
N SER A 724 -28.67 19.31 4.65
CA SER A 724 -27.25 19.32 5.01
C SER A 724 -26.42 18.36 4.15
N TRP A 725 -27.04 17.30 3.66
CA TRP A 725 -26.40 16.38 2.72
C TRP A 725 -26.05 17.13 1.43
N ASN A 726 -27.03 17.83 0.84
CA ASN A 726 -26.83 18.66 -0.35
C ASN A 726 -25.79 19.72 -0.12
N TYR A 727 -25.83 20.36 1.04
CA TYR A 727 -24.86 21.38 1.35
C TYR A 727 -23.46 20.78 1.37
N THR A 728 -23.32 19.62 2.01
CA THR A 728 -22.03 18.98 2.18
C THR A 728 -21.49 18.53 0.81
N LEU A 729 -22.38 18.07 -0.06
CA LEU A 729 -22.00 17.71 -1.45
C LEU A 729 -21.47 18.93 -2.22
N GLU A 730 -22.14 20.09 -2.07
CA GLU A 730 -21.66 21.35 -2.67
C GLU A 730 -20.28 21.74 -2.16
N GLN A 731 -20.08 21.60 -0.84
CA GLN A 731 -18.81 21.95 -0.22
C GLN A 731 -17.70 21.07 -0.75
N TYR A 732 -18.02 19.80 -0.94
CA TYR A 732 -17.08 18.84 -1.46
C TYR A 732 -16.62 19.26 -2.90
N GLN A 733 -17.56 19.73 -3.71
CA GLN A 733 -17.21 20.20 -5.07
C GLN A 733 -16.37 21.46 -5.02
N LYS A 734 -16.72 22.37 -4.11
CA LYS A 734 -16.10 23.69 -4.05
C LYS A 734 -14.70 23.74 -3.45
N THR A 735 -14.35 22.81 -2.55
CA THR A 735 -13.00 22.82 -1.99
C THR A 735 -11.93 22.26 -2.93
N SER A 736 -10.76 22.92 -3.00
CA SER A 736 -9.65 22.45 -3.83
C SER A 736 -8.79 21.40 -3.14
N LEU A 737 -8.86 21.38 -1.80
CA LEU A 737 -8.02 20.48 -1.03
C LEU A 737 -8.56 19.06 -1.06
N ALA A 738 -7.79 18.16 -1.69
CA ALA A 738 -8.16 16.76 -1.77
C ALA A 738 -8.41 16.13 -0.37
N GLN A 739 -7.57 16.49 0.60
CA GLN A 739 -7.71 15.96 1.96
C GLN A 739 -9.05 16.34 2.60
N GLU A 740 -9.51 17.56 2.33
CA GLU A 740 -10.84 17.99 2.78
C GLU A 740 -11.93 17.23 2.03
N LYS A 741 -11.81 17.18 0.71
CA LYS A 741 -12.76 16.44 -0.14
C LYS A 741 -13.00 15.03 0.41
N GLU A 742 -11.93 14.34 0.74
CA GLU A 742 -12.02 12.97 1.19
C GLU A 742 -12.82 12.87 2.52
N LYS A 743 -12.63 13.83 3.42
CA LYS A 743 -13.37 13.83 4.68
C LYS A 743 -14.85 14.04 4.43
N LEU A 744 -15.15 14.91 3.45
CA LEU A 744 -16.52 15.28 3.14
C LEU A 744 -17.26 14.11 2.51
N LEU A 745 -16.54 13.32 1.73
CA LEU A 745 -17.07 12.07 1.16
C LEU A 745 -17.42 11.04 2.25
N TYR A 746 -16.58 10.93 3.26
CA TYR A 746 -16.90 10.10 4.44
C TYR A 746 -18.14 10.63 5.15
N GLY A 747 -18.20 11.94 5.39
CA GLY A 747 -19.43 12.61 5.90
C GLY A 747 -20.69 12.23 5.11
N LEU A 748 -20.63 12.41 3.77
CA LEU A 748 -21.75 12.07 2.91
C LEU A 748 -22.15 10.59 3.02
N ALA A 749 -21.16 9.72 3.22
CA ALA A 749 -21.43 8.29 3.36
C ALA A 749 -22.07 7.95 4.72
N SER A 750 -22.12 8.91 5.64
CA SER A 750 -22.53 8.63 7.03
C SER A 750 -24.01 8.87 7.35
N VAL A 751 -24.74 9.47 6.40
CA VAL A 751 -26.14 9.79 6.58
C VAL A 751 -26.96 8.50 6.71
N LYS A 752 -27.90 8.53 7.66
CA LYS A 752 -28.78 7.40 7.93
C LYS A 752 -30.03 7.58 7.10
N ASN A 753 -29.88 7.44 5.77
CA ASN A 753 -30.97 7.65 4.86
C ASN A 753 -30.74 6.86 3.58
N VAL A 754 -31.60 5.86 3.33
CA VAL A 754 -31.47 4.99 2.16
C VAL A 754 -31.54 5.76 0.82
N THR A 755 -32.48 6.70 0.73
CA THR A 755 -32.66 7.53 -0.47
C THR A 755 -31.39 8.33 -0.82
N LEU A 756 -30.78 8.92 0.20
CA LEU A 756 -29.59 9.74 -0.02
C LEU A 756 -28.38 8.86 -0.34
N LEU A 757 -28.29 7.70 0.28
CA LEU A 757 -27.19 6.81 -0.02
C LEU A 757 -27.34 6.21 -1.44
N SER A 758 -28.58 6.03 -1.87
CA SER A 758 -28.86 5.58 -3.23
C SER A 758 -28.43 6.63 -4.26
N ARG A 759 -28.71 7.91 -3.98
CA ARG A 759 -28.28 9.01 -4.82
C ARG A 759 -26.76 9.03 -4.93
N TYR A 760 -26.12 8.79 -3.78
CA TYR A 760 -24.68 8.76 -3.67
C TYR A 760 -24.07 7.64 -4.53
N LEU A 761 -24.65 6.44 -4.43
CA LEU A 761 -24.16 5.33 -5.23
C LEU A 761 -24.27 5.63 -6.74
N ASP A 762 -25.38 6.26 -7.16
CA ASP A 762 -25.59 6.68 -8.55
C ASP A 762 -24.51 7.64 -9.05
N LEU A 763 -24.08 8.56 -8.18
CA LEU A 763 -22.99 9.50 -8.47
C LEU A 763 -21.66 8.84 -8.83
N LEU A 764 -21.47 7.60 -8.40
CA LEU A 764 -20.25 6.85 -8.76
C LEU A 764 -20.08 6.71 -10.28
N LYS A 765 -21.20 6.73 -11.00
CA LYS A 765 -21.16 6.62 -12.46
C LYS A 765 -20.93 7.96 -13.14
N ASP A 766 -20.92 9.03 -12.34
CA ASP A 766 -20.76 10.39 -12.86
C ASP A 766 -19.34 10.92 -12.60
N THR A 767 -18.53 10.93 -13.66
CA THR A 767 -17.13 11.30 -13.57
C THR A 767 -16.91 12.80 -13.38
N ASN A 768 -17.97 13.59 -13.60
CA ASN A 768 -17.94 15.01 -13.27
C ASN A 768 -17.99 15.24 -11.75
N LEU A 769 -18.52 14.26 -11.02
CA LEU A 769 -18.71 14.38 -9.57
C LEU A 769 -17.71 13.59 -8.74
N ILE A 770 -17.58 12.29 -9.01
CA ILE A 770 -16.60 11.44 -8.33
C ILE A 770 -15.49 11.08 -9.30
N LYS A 771 -14.25 11.39 -8.94
CA LYS A 771 -13.10 10.96 -9.71
C LYS A 771 -12.96 9.45 -9.71
N THR A 772 -12.45 8.93 -10.83
CA THR A 772 -12.17 7.52 -11.03
C THR A 772 -11.29 6.93 -9.91
N GLN A 773 -10.35 7.72 -9.43
CA GLN A 773 -9.45 7.32 -8.34
C GLN A 773 -10.19 7.12 -7.00
N ASP A 774 -11.40 7.67 -6.88
CA ASP A 774 -12.09 7.74 -5.59
C ASP A 774 -13.28 6.81 -5.45
N VAL A 775 -13.62 6.11 -6.52
CA VAL A 775 -14.83 5.31 -6.57
C VAL A 775 -14.78 4.20 -5.51
N PHE A 776 -13.65 3.51 -5.38
CA PHE A 776 -13.59 2.42 -4.40
C PHE A 776 -13.51 2.90 -2.97
N THR A 777 -12.92 4.07 -2.79
CA THR A 777 -12.91 4.72 -1.49
C THR A 777 -14.37 4.98 -1.04
N VAL A 778 -15.16 5.56 -1.94
CA VAL A 778 -16.55 5.85 -1.63
C VAL A 778 -17.39 4.60 -1.36
N ILE A 779 -17.23 3.58 -2.20
CA ILE A 779 -17.96 2.33 -1.98
C ILE A 779 -17.65 1.78 -0.58
N ARG A 780 -16.40 1.86 -0.18
CA ARG A 780 -15.94 1.35 1.11
C ARG A 780 -16.55 2.19 2.25
N TYR A 781 -16.56 3.53 2.11
CA TYR A 781 -17.19 4.41 3.11
C TYR A 781 -18.65 4.06 3.34
N ILE A 782 -19.37 3.87 2.24
CA ILE A 782 -20.78 3.53 2.26
C ILE A 782 -20.99 2.16 2.94
N SER A 783 -20.08 1.23 2.71
CA SER A 783 -20.20 -0.09 3.30
C SER A 783 -20.09 -0.01 4.84
N TYR A 784 -19.45 1.03 5.38
CA TYR A 784 -19.33 1.18 6.83
C TYR A 784 -20.62 1.68 7.49
N ASN A 785 -21.53 2.22 6.67
CA ASN A 785 -22.81 2.75 7.10
C ASN A 785 -23.73 1.59 7.48
N SER A 786 -24.39 1.68 8.62
CA SER A 786 -25.18 0.53 9.03
C SER A 786 -26.24 0.14 7.99
N TYR A 787 -26.64 1.07 7.12
CA TYR A 787 -27.49 0.73 5.94
C TYR A 787 -26.64 0.35 4.74
N GLY A 788 -25.60 1.14 4.52
CA GLY A 788 -24.70 0.97 3.40
C GLY A 788 -23.91 -0.31 3.40
N LYS A 789 -23.81 -0.98 4.56
CA LYS A 789 -23.15 -2.28 4.58
C LYS A 789 -23.76 -3.15 3.47
N ASN A 790 -25.08 -3.31 3.50
CA ASN A 790 -25.70 -4.12 2.47
C ASN A 790 -25.91 -3.38 1.15
N MET A 791 -26.02 -2.05 1.18
CA MET A 791 -26.20 -1.29 -0.05
C MET A 791 -24.97 -1.35 -0.98
N ALA A 792 -23.78 -1.13 -0.44
CA ALA A 792 -22.54 -1.16 -1.20
C ALA A 792 -22.35 -2.57 -1.78
N TRP A 793 -22.61 -3.58 -0.95
CA TRP A 793 -22.48 -4.97 -1.31
C TRP A 793 -23.42 -5.32 -2.47
N ASN A 794 -24.68 -4.88 -2.38
N ASN A 794 -24.67 -4.87 -2.37
CA ASN A 794 -25.65 -5.11 -3.45
CA ASN A 794 -25.68 -5.06 -3.42
C ASN A 794 -25.25 -4.37 -4.73
C ASN A 794 -25.32 -4.33 -4.72
N TRP A 795 -24.77 -3.13 -4.57
CA TRP A 795 -24.44 -2.28 -5.70
C TRP A 795 -23.25 -2.84 -6.53
N ILE A 796 -22.16 -3.27 -5.88
CA ILE A 796 -21.04 -3.89 -6.61
C ILE A 796 -21.47 -5.18 -7.33
N GLN A 797 -22.49 -5.87 -6.79
CA GLN A 797 -22.98 -7.05 -7.49
C GLN A 797 -23.79 -6.65 -8.72
N LEU A 798 -24.74 -5.74 -8.55
CA LEU A 798 -25.61 -5.32 -9.63
C LEU A 798 -24.81 -4.67 -10.77
N ASN A 799 -23.70 -4.05 -10.39
CA ASN A 799 -22.91 -3.21 -11.28
C ASN A 799 -21.53 -3.80 -11.57
N TRP A 800 -21.38 -5.10 -11.32
CA TRP A 800 -20.11 -5.76 -11.51
C TRP A 800 -19.60 -5.68 -12.96
N ASP A 801 -20.44 -5.99 -13.94
CA ASP A 801 -20.03 -5.89 -15.35
C ASP A 801 -19.56 -4.48 -15.71
N TYR A 802 -20.30 -3.49 -15.23
CA TYR A 802 -19.95 -2.08 -15.37
C TYR A 802 -18.57 -1.76 -14.78
N LEU A 803 -18.29 -2.30 -13.60
CA LEU A 803 -17.01 -1.98 -12.97
C LEU A 803 -15.86 -2.67 -13.69
N VAL A 804 -16.09 -3.90 -14.11
CA VAL A 804 -15.06 -4.67 -14.81
C VAL A 804 -14.72 -3.96 -16.14
N ASN A 805 -15.75 -3.51 -16.84
CA ASN A 805 -15.56 -2.79 -18.10
C ASN A 805 -14.80 -1.49 -17.83
N ARG A 806 -15.13 -0.81 -16.73
CA ARG A 806 -14.50 0.48 -16.42
C ARG A 806 -13.04 0.35 -15.98
N TYR A 807 -12.75 -0.68 -15.19
CA TYR A 807 -11.46 -0.79 -14.50
C TYR A 807 -10.58 -1.91 -15.03
N THR A 808 -11.17 -2.92 -15.67
CA THR A 808 -10.51 -4.20 -16.04
C THR A 808 -10.19 -5.09 -14.81
N LEU A 809 -10.14 -6.40 -15.02
CA LEU A 809 -9.87 -7.37 -13.97
C LEU A 809 -8.44 -7.32 -13.46
N ASN A 810 -7.58 -6.60 -14.19
CA ASN A 810 -6.20 -6.38 -13.77
C ASN A 810 -6.07 -5.30 -12.73
N ASN A 811 -7.15 -4.58 -12.45
CA ASN A 811 -7.11 -3.50 -11.47
C ASN A 811 -7.21 -4.06 -10.03
N ARG A 812 -6.19 -3.75 -9.24
CA ARG A 812 -6.02 -4.26 -7.89
C ARG A 812 -7.15 -3.80 -6.96
N ASN A 813 -7.50 -2.52 -7.02
CA ASN A 813 -8.52 -1.94 -6.15
C ASN A 813 -9.89 -2.55 -6.38
N LEU A 814 -10.19 -2.84 -7.64
CA LEU A 814 -11.43 -3.54 -8.00
C LEU A 814 -11.44 -4.97 -7.47
N GLY A 815 -10.32 -5.68 -7.62
CA GLY A 815 -10.17 -7.01 -7.04
C GLY A 815 -10.45 -6.99 -5.54
N ARG A 816 -9.96 -5.96 -4.85
CA ARG A 816 -10.06 -5.90 -3.38
C ARG A 816 -11.41 -5.43 -2.84
N ILE A 817 -12.28 -4.90 -3.71
CA ILE A 817 -13.52 -4.28 -3.25
C ILE A 817 -14.42 -5.29 -2.51
N VAL A 818 -14.29 -6.59 -2.83
CA VAL A 818 -15.07 -7.64 -2.17
C VAL A 818 -14.77 -7.70 -0.66
N THR A 819 -13.67 -7.09 -0.22
CA THR A 819 -13.37 -7.10 1.22
C THR A 819 -14.34 -6.22 2.03
N ILE A 820 -15.26 -5.54 1.35
CA ILE A 820 -16.32 -4.81 2.09
C ILE A 820 -17.24 -5.80 2.79
N ALA A 821 -17.11 -7.07 2.43
CA ALA A 821 -17.85 -8.16 3.02
C ALA A 821 -17.19 -8.72 4.31
N GLU A 822 -16.04 -8.18 4.70
CA GLU A 822 -15.33 -8.64 5.88
C GLU A 822 -16.21 -8.77 7.15
N PRO A 823 -17.11 -7.79 7.43
CA PRO A 823 -17.88 -7.95 8.68
C PRO A 823 -18.99 -9.00 8.61
N PHE A 824 -19.17 -9.66 7.47
CA PHE A 824 -20.26 -10.65 7.37
C PHE A 824 -19.98 -11.82 8.31
N ASN A 825 -21.05 -12.37 8.88
CA ASN A 825 -20.88 -13.35 9.94
C ASN A 825 -21.99 -14.39 10.06
N THR A 826 -22.82 -14.52 9.02
CA THR A 826 -23.85 -15.56 8.98
C THR A 826 -23.68 -16.51 7.78
N GLU A 827 -24.23 -17.72 7.88
CA GLU A 827 -24.30 -18.67 6.79
C GLU A 827 -25.01 -18.08 5.56
N LEU A 828 -26.03 -17.26 5.79
CA LEU A 828 -26.79 -16.62 4.72
C LEU A 828 -25.87 -15.69 3.92
N GLN A 829 -25.11 -14.87 4.64
CA GLN A 829 -24.22 -13.92 3.98
C GLN A 829 -23.10 -14.61 3.21
N LEU A 830 -22.51 -15.63 3.83
CA LEU A 830 -21.51 -16.46 3.17
C LEU A 830 -22.04 -17.08 1.85
N TRP A 831 -23.25 -17.62 1.89
CA TRP A 831 -23.91 -18.15 0.69
C TRP A 831 -24.11 -17.08 -0.39
N GLN A 832 -24.45 -15.85 0.01
CA GLN A 832 -24.54 -14.71 -0.90
C GLN A 832 -23.21 -14.46 -1.60
N MET A 833 -22.13 -14.42 -0.82
CA MET A 833 -20.80 -14.24 -1.34
C MET A 833 -20.42 -15.35 -2.35
N GLU A 834 -20.56 -16.60 -1.94
CA GLU A 834 -20.26 -17.75 -2.79
C GLU A 834 -21.11 -17.75 -4.05
N SER A 835 -22.38 -17.37 -3.94
CA SER A 835 -23.27 -17.32 -5.10
C SER A 835 -22.84 -16.25 -6.10
N PHE A 836 -22.45 -15.08 -5.59
CA PHE A 836 -21.97 -14.01 -6.42
C PHE A 836 -20.65 -14.42 -7.12
N PHE A 837 -19.74 -15.00 -6.34
CA PHE A 837 -18.44 -15.41 -6.86
C PHE A 837 -18.57 -16.51 -7.92
N ALA A 838 -19.50 -17.45 -7.71
CA ALA A 838 -19.74 -18.49 -8.68
C ALA A 838 -20.34 -17.94 -9.97
N LYS A 839 -21.06 -16.82 -9.89
CA LYS A 839 -21.66 -16.22 -11.08
C LYS A 839 -20.63 -15.46 -11.91
N TYR A 840 -19.63 -14.88 -11.24
CA TYR A 840 -18.55 -14.15 -11.88
C TYR A 840 -17.23 -14.75 -11.45
N PRO A 841 -16.95 -15.98 -11.93
CA PRO A 841 -15.78 -16.73 -11.46
C PRO A 841 -14.46 -16.20 -12.01
N GLN A 842 -14.49 -15.29 -12.98
CA GLN A 842 -13.23 -14.70 -13.49
C GLN A 842 -12.85 -13.53 -12.60
N ALA A 843 -11.93 -13.77 -11.68
CA ALA A 843 -11.72 -12.87 -10.56
C ALA A 843 -10.56 -11.93 -10.80
N GLY A 844 -9.68 -12.30 -11.73
CA GLY A 844 -8.52 -11.49 -12.05
C GLY A 844 -7.67 -11.21 -10.83
N ALA A 845 -7.36 -9.94 -10.61
CA ALA A 845 -6.61 -9.52 -9.43
C ALA A 845 -7.43 -9.63 -8.14
N GLY A 846 -8.67 -10.09 -8.24
CA GLY A 846 -9.51 -10.29 -7.06
C GLY A 846 -9.47 -11.71 -6.53
N GLU A 847 -8.65 -12.56 -7.14
CA GLU A 847 -8.62 -13.97 -6.77
C GLU A 847 -8.23 -14.18 -5.31
N LYS A 848 -7.11 -13.58 -4.89
CA LYS A 848 -6.66 -13.67 -3.49
C LYS A 848 -7.62 -13.00 -2.51
N PRO A 849 -8.02 -11.72 -2.78
CA PRO A 849 -8.99 -11.04 -1.94
C PRO A 849 -10.26 -11.87 -1.67
N ARG A 850 -10.78 -12.52 -2.71
CA ARG A 850 -11.92 -13.40 -2.57
C ARG A 850 -11.63 -14.53 -1.58
N GLU A 851 -10.51 -15.22 -1.77
CA GLU A 851 -10.10 -16.29 -0.86
C GLU A 851 -10.01 -15.78 0.57
N GLN A 852 -9.41 -14.62 0.75
CA GLN A 852 -9.22 -14.05 2.10
C GLN A 852 -10.54 -13.67 2.78
N VAL A 853 -11.42 -12.98 2.06
CA VAL A 853 -12.69 -12.56 2.63
C VAL A 853 -13.62 -13.77 2.91
N LEU A 854 -13.55 -14.81 2.08
CA LEU A 854 -14.29 -16.04 2.41
C LEU A 854 -13.78 -16.69 3.70
N GLU A 855 -12.47 -16.74 3.88
CA GLU A 855 -11.91 -17.35 5.07
C GLU A 855 -12.32 -16.53 6.30
N THR A 856 -12.25 -15.20 6.17
CA THR A 856 -12.67 -14.28 7.22
C THR A 856 -14.13 -14.47 7.63
N VAL A 857 -15.03 -14.59 6.66
CA VAL A 857 -16.45 -14.70 6.95
C VAL A 857 -16.77 -16.05 7.60
N LYS A 858 -16.11 -17.12 7.13
CA LYS A 858 -16.22 -18.45 7.75
C LYS A 858 -15.68 -18.44 9.18
N ASN A 859 -14.56 -17.76 9.41
CA ASN A 859 -14.07 -17.55 10.78
C ASN A 859 -15.08 -16.82 11.66
N ASN A 860 -15.70 -15.78 11.11
CA ASN A 860 -16.71 -15.02 11.85
C ASN A 860 -17.85 -15.92 12.30
N ILE A 861 -18.39 -16.73 11.38
CA ILE A 861 -19.48 -17.63 11.69
C ILE A 861 -19.07 -18.55 12.87
N GLU A 862 -17.87 -19.11 12.77
CA GLU A 862 -17.34 -19.99 13.79
C GLU A 862 -17.11 -19.27 15.10
N TRP A 863 -16.52 -18.08 15.02
CA TRP A 863 -16.23 -17.24 16.17
C TRP A 863 -17.49 -17.00 17.00
N LEU A 864 -18.59 -16.67 16.33
CA LEU A 864 -19.85 -16.38 17.01
C LEU A 864 -20.37 -17.62 17.74
N LYS A 865 -20.31 -18.77 17.06
CA LYS A 865 -20.71 -20.04 17.64
C LYS A 865 -19.90 -20.36 18.91
N GLN A 866 -18.59 -20.12 18.85
CA GLN A 866 -17.69 -20.52 19.93
C GLN A 866 -17.70 -19.59 21.13
N HIS A 867 -17.90 -18.30 20.89
CA HIS A 867 -17.59 -17.29 21.90
C HIS A 867 -18.75 -16.42 22.40
N ARG A 868 -19.94 -16.50 21.81
CA ARG A 868 -21.05 -15.64 22.26
C ARG A 868 -21.34 -15.81 23.76
N ASN A 869 -21.45 -17.05 24.21
CA ASN A 869 -21.79 -17.27 25.62
C ASN A 869 -20.73 -16.80 26.60
N THR A 870 -19.46 -17.09 26.31
CA THR A 870 -18.34 -16.69 27.16
C THR A 870 -18.30 -15.18 27.26
N ILE A 871 -18.37 -14.51 26.13
CA ILE A 871 -18.32 -13.04 26.14
C ILE A 871 -19.54 -12.42 26.82
N ARG A 872 -20.72 -12.99 26.58
CA ARG A 872 -21.94 -12.60 27.28
C ARG A 872 -21.78 -12.72 28.80
N GLU A 873 -21.26 -13.85 29.26
CA GLU A 873 -21.04 -14.09 30.70
C GLU A 873 -20.12 -13.07 31.32
N TRP A 874 -18.97 -12.83 30.68
CA TRP A 874 -18.02 -11.85 31.17
C TRP A 874 -18.66 -10.48 31.35
N PHE A 875 -19.38 -10.01 30.34
CA PHE A 875 -20.05 -8.71 30.42
C PHE A 875 -21.21 -8.66 31.43
N PHE A 876 -22.09 -9.67 31.40
CA PHE A 876 -23.20 -9.72 32.36
C PHE A 876 -22.73 -9.76 33.81
N ASN A 877 -21.73 -10.60 34.09
CA ASN A 877 -21.19 -10.75 35.46
C ASN A 877 -20.53 -9.48 35.96
N LEU A 878 -19.83 -8.79 35.06
CA LEU A 878 -19.16 -7.56 35.38
C LEU A 878 -20.16 -6.43 35.64
N LEU A 879 -21.18 -6.35 34.77
CA LEU A 879 -22.08 -5.19 34.72
C LEU A 879 -22.93 -5.10 35.97
C1 NAG B . -11.56 6.35 -25.97
C2 NAG B . -11.88 4.90 -25.62
C3 NAG B . -12.14 4.05 -26.87
C4 NAG B . -13.12 4.73 -27.82
C5 NAG B . -12.66 6.17 -28.08
C6 NAG B . -13.59 6.94 -29.02
C7 NAG B . -10.87 3.66 -23.75
C8 NAG B . -9.58 3.15 -23.19
N2 NAG B . -10.75 4.32 -24.91
O3 NAG B . -12.62 2.79 -26.48
O4 NAG B . -13.20 3.97 -29.03
O5 NAG B . -12.56 6.86 -26.85
O6 NAG B . -14.68 7.47 -28.30
O7 NAG B . -11.93 3.48 -23.16
C1 NAG B . -14.52 3.41 -29.23
C2 NAG B . -14.87 3.39 -30.71
C3 NAG B . -16.34 2.99 -30.85
C4 NAG B . -16.54 1.60 -30.24
C5 NAG B . -15.97 1.53 -28.82
C6 NAG B . -15.93 0.08 -28.34
C7 NAG B . -13.42 4.84 -32.03
C8 NAG B . -13.26 6.19 -32.68
N2 NAG B . -14.58 4.64 -31.39
O3 NAG B . -16.71 2.96 -32.21
O4 NAG B . -17.91 1.30 -30.25
O5 NAG B . -14.67 2.08 -28.72
O6 NAG B . -16.16 0.01 -26.96
O7 NAG B . -12.50 4.00 -32.10
C1 NAG C . 8.93 24.64 5.90
C2 NAG C . 7.68 24.91 6.74
C3 NAG C . 7.74 26.31 7.35
C4 NAG C . 9.06 26.46 8.12
C5 NAG C . 10.23 26.20 7.18
C6 NAG C . 11.56 26.27 7.92
C7 NAG C . 5.35 24.09 6.23
C8 NAG C . 5.11 23.59 7.61
N2 NAG C . 6.51 24.68 5.90
O3 NAG C . 6.63 26.46 8.19
O4 NAG C . 9.37 27.66 8.84
O5 NAG C . 10.11 24.91 6.62
O6 NAG C . 12.59 26.16 6.98
O7 NAG C . 4.46 23.94 5.40
C1 NAG C . 8.38 28.71 8.92
C2 NAG C . 7.60 28.57 10.24
C3 NAG C . 8.26 29.22 11.46
C4 NAG C . 9.62 29.85 11.15
C5 NAG C . 9.63 30.64 9.84
C6 NAG C . 11.06 31.03 9.43
C7 NAG C . 5.45 29.65 9.37
C8 NAG C . 3.96 29.61 9.58
N2 NAG C . 6.15 28.82 10.16
O3 NAG C . 8.44 28.26 12.47
O4 NAG C . 10.01 30.70 12.21
O5 NAG C . 8.98 30.00 8.75
O6 NAG C . 11.72 29.93 8.83
O7 NAG C . 5.91 30.41 8.53
C1 NAG D . -10.84 -12.57 35.11
C2 NAG D . -10.94 -11.80 36.44
C3 NAG D . -11.92 -12.42 37.44
C4 NAG D . -13.23 -12.83 36.77
C5 NAG D . -12.88 -13.65 35.50
C6 NAG D . -14.06 -14.31 34.78
C7 NAG D . -8.97 -10.48 37.12
C8 NAG D . -9.71 -9.23 36.74
N2 NAG D . -9.58 -11.66 36.98
O3 NAG D . -12.17 -11.52 38.51
O4 NAG D . -14.01 -13.53 37.73
O5 NAG D . -12.13 -12.85 34.59
O6 NAG D . -15.03 -13.35 34.40
O7 NAG D . -7.82 -10.37 37.54
C1 NAG D . -15.40 -13.06 37.79
C2 NAG D . -16.24 -14.12 38.52
C3 NAG D . -17.68 -13.67 38.84
C4 NAG D . -17.87 -12.19 39.17
C5 NAG D . -16.90 -11.31 38.34
C6 NAG D . -16.92 -9.86 38.82
C7 NAG D . -15.67 -16.46 37.98
C8 NAG D . -15.88 -17.58 37.00
N2 NAG D . -16.31 -15.33 37.70
O3 NAG D . -18.13 -14.45 39.93
O4 NAG D . -19.23 -11.80 38.97
O5 NAG D . -15.58 -11.81 38.42
O6 NAG D . -16.56 -9.02 37.74
O7 NAG D . -14.93 -16.63 38.96
C1 NAG D . -19.92 -11.57 40.24
C2 NAG D . -21.09 -10.59 40.09
C3 NAG D . -22.31 -11.06 40.89
C4 NAG D . -22.69 -12.49 40.50
C5 NAG D . -21.50 -13.45 40.64
C6 NAG D . -21.41 -14.38 39.43
C7 NAG D . -21.26 -8.10 40.02
C8 NAG D . -20.75 -6.81 40.56
N2 NAG D . -20.72 -9.24 40.50
O3 NAG D . -23.41 -10.21 40.68
O4 NAG D . -23.74 -12.95 41.31
O5 NAG D . -20.26 -12.79 40.91
O6 NAG D . -22.16 -15.56 39.67
O7 NAG D . -22.16 -8.08 39.17
C1 NAG E . -19.11 17.91 25.02
C2 NAG E . -20.39 18.52 25.58
C3 NAG E . -20.24 18.97 27.04
C4 NAG E . -19.56 17.93 27.95
C5 NAG E . -18.35 17.30 27.23
C6 NAG E . -17.77 16.11 27.98
C7 NAG E . -21.92 19.72 24.04
C8 NAG E . -22.09 20.95 23.19
N2 NAG E . -20.77 19.63 24.72
O3 NAG E . -21.52 19.27 27.52
O4 NAG E . -19.16 18.55 29.17
O5 NAG E . -18.68 16.88 25.90
O6 NAG E . -16.53 15.76 27.37
O7 NAG E . -22.81 18.87 24.10
C1 NAG E . -19.57 17.87 30.40
C2 NAG E . -18.79 18.39 31.61
C3 NAG E . -19.09 17.56 32.87
C4 NAG E . -20.59 17.38 33.14
C5 NAG E . -21.39 17.22 31.84
C6 NAG E . -22.88 17.45 32.06
C7 NAG E . -16.45 17.57 31.16
C8 NAG E . -15.05 18.05 30.91
N2 NAG E . -17.36 18.55 31.35
O3 NAG E . -18.45 18.09 34.01
O4 NAG E . -20.72 16.20 33.92
O5 NAG E . -20.95 18.03 30.73
O6 NAG E . -23.33 18.56 31.31
O7 NAG E . -16.70 16.36 31.20
C1 NAG E . -21.41 16.29 35.21
C2 NAG E . -20.47 16.59 36.38
C3 NAG E . -21.23 16.69 37.71
C4 NAG E . -22.65 17.28 37.61
C5 NAG E . -23.37 16.84 36.34
C6 NAG E . -24.73 17.53 36.18
C7 NAG E . -18.15 15.84 36.99
C8 NAG E . -17.27 14.62 37.06
N2 NAG E . -19.43 15.57 36.53
O3 NAG E . -20.47 17.47 38.61
O4 NAG E . -23.39 16.89 38.74
O5 NAG E . -22.54 17.13 35.24
O6 NAG E . -25.66 17.01 37.11
O7 NAG E . -17.68 17.00 37.37
C1 NAG F . -31.01 18.16 -3.07
C2 NAG F . -32.33 18.92 -3.34
C3 NAG F . -33.18 18.30 -4.45
C4 NAG F . -32.27 18.14 -5.67
C5 NAG F . -31.13 17.19 -5.32
C6 NAG F . -30.20 17.02 -6.51
C7 NAG F . -32.99 20.10 -1.30
C8 NAG F . -33.91 20.11 -0.11
N2 NAG F . -33.14 19.08 -2.14
O3 NAG F . -34.24 19.17 -4.75
O4 NAG F . -32.87 17.98 -6.96
O5 NAG F . -30.36 17.76 -4.26
O6 NAG F . -29.71 18.30 -6.83
O7 NAG F . -32.17 21.01 -1.46
C1 NAG F . -33.76 16.90 -7.28
C2 NAG F . -34.40 17.37 -8.58
C3 NAG F . -35.25 16.29 -9.27
C4 NAG F . -34.45 15.00 -9.40
C5 NAG F . -33.79 14.62 -8.07
C6 NAG F . -32.83 13.47 -8.30
C7 NAG F . -34.93 19.73 -9.02
C8 NAG F . -33.85 19.77 -10.06
N2 NAG F . -35.16 18.59 -8.36
O3 NAG F . -35.62 16.75 -10.54
O4 NAG F . -35.32 13.98 -9.84
O5 NAG F . -33.06 15.68 -7.50
O6 NAG F . -32.49 12.91 -7.06
O7 NAG F . -35.61 20.73 -8.81
C1 NAG G . -34.55 10.54 3.65
C2 NAG G . -35.76 10.80 4.55
C3 NAG G . -37.03 11.13 3.77
C4 NAG G . -36.75 12.14 2.67
C5 NAG G . -35.56 11.66 1.83
C6 NAG G . -35.20 12.62 0.71
C7 NAG G . -35.78 9.42 6.58
C8 NAG G . -35.43 10.60 7.43
N2 NAG G . -35.94 9.55 5.27
O3 NAG G . -38.03 11.61 4.65
O4 NAG G . -37.93 12.27 1.89
O5 NAG G . -34.40 11.50 2.63
O6 NAG G . -34.95 13.88 1.29
O7 NAG G . -35.93 8.31 7.08
C1 NAG G . -38.31 13.66 1.73
C2 NAG G . -39.12 13.82 0.45
C3 NAG G . -39.81 15.20 0.34
C4 NAG G . -40.26 15.79 1.67
C5 NAG G . -39.21 15.56 2.75
C6 NAG G . -39.65 16.11 4.10
C7 NAG G . -38.18 12.54 -1.42
C8 NAG G . -37.21 12.54 -2.57
N2 NAG G . -38.25 13.65 -0.69
O3 NAG G . -40.94 15.06 -0.49
O4 NAG G . -40.51 17.18 1.49
O5 NAG G . -38.98 14.17 2.85
O6 NAG G . -40.36 15.10 4.79
O7 NAG G . -38.86 11.53 -1.21
CA CA H . 0.51 1.47 -11.55
ZN ZN I . 6.46 1.45 -2.68
C1 NAG J . 11.45 -26.81 31.46
C2 NAG J . 10.82 -27.88 32.37
C3 NAG J . 11.83 -28.41 33.38
C4 NAG J . 13.15 -28.81 32.71
C5 NAG J . 13.62 -27.71 31.73
C6 NAG J . 14.90 -28.10 30.97
C7 NAG J . 9.29 -26.40 33.73
C8 NAG J . 7.87 -26.27 34.21
N2 NAG J . 9.54 -27.47 32.98
O3 NAG J . 11.32 -29.54 34.07
O4 NAG J . 14.14 -29.05 33.67
O5 NAG J . 12.59 -27.36 30.82
O6 NAG J . 14.60 -29.04 29.96
O7 NAG J . 10.12 -25.54 34.05
C1 NAG K . 20.83 -24.33 14.45
C2 NAG K . 22.04 -23.40 14.53
C3 NAG K . 22.72 -23.49 13.17
C4 NAG K . 23.27 -24.91 13.04
C5 NAG K . 22.16 -25.96 13.27
C6 NAG K . 22.75 -27.36 13.45
C7 NAG K . 22.23 -21.43 15.99
C8 NAG K . 22.91 -22.28 17.05
N2 NAG K . 21.76 -22.03 14.89
O3 NAG K . 23.75 -22.53 13.09
O4 NAG K . 23.84 -25.09 11.76
O5 NAG K . 21.32 -25.66 14.39
O6 NAG K . 23.13 -27.89 12.21
O7 NAG K . 22.09 -20.21 16.17
N GLU L . 4.98 1.62 -5.40
CA GLU L . 3.75 2.44 -5.16
C GLU L . 3.53 2.76 -3.70
O GLU L . 3.58 3.92 -3.29
CB GLU L . 2.52 1.75 -5.73
CG GLU L . 2.46 1.70 -7.24
CD GLU L . 1.35 0.79 -7.76
OE1 GLU L . 0.98 -0.17 -7.07
OE2 GLU L . 0.83 1.04 -8.86
OXT GLU L . 3.28 1.88 -2.87
#